data_2E7Z
#
_entry.id   2E7Z
#
_cell.length_a   120.776
_cell.length_b   71.971
_cell.length_c   106.760
_cell.angle_alpha   90.00
_cell.angle_beta   124.26
_cell.angle_gamma   90.00
#
_symmetry.space_group_name_H-M   'C 1 2 1'
#
loop_
_entity.id
_entity.type
_entity.pdbx_description
1 polymer 'Acetylene hydratase Ahy'
2 non-polymer 'SODIUM ION'
3 non-polymer 'ACETATE ION'
4 non-polymer 'IRON/SULFUR CLUSTER'
5 non-polymer '2-AMINO-5,6-DIMERCAPTO-7-METHYL-3,7,8A,9-TETRAHYDRO-8-OXA-1,3,9,10-TETRAAZA-ANTHRACEN-4-ONE GUANOSINE DINUCLEOTIDE'
6 non-polymer 'TUNGSTEN ION'
7 non-polymer (4S)-2-METHYL-2,4-PENTANEDIOL
8 water water
#
_entity_poly.entity_id   1
_entity_poly.type   'polypeptide(L)'
_entity_poly.pdbx_seq_one_letter_code
;KKHVVCQSCDINCVVEAEVKADGKIQTKSISEPHPTTPPNSICMKSVNADTIRTHKDRVLYPLKNVGSKRGEQRWERISW
DQALDEIAEKLKKIIAKYGPESLGVSQTEINQQSEYGTLRRFMNLLGSPNWTSAMYMCIGNTAGVHRVTHGSYSFASFAD
SNCLLFIGKNLSNHNWVSQFNDLKAALKRGCKLIVLDPRRTKVAEMADIWLPLRYGTDAALFLGMINVIINEQLYDKEFV
ENWCVGFEELKERVQEYPLDKVAEITGCDAGEIRKAAVMFATESPASIPWAVSTDMQKNSCSAIRAQCILRAIVGSFVNG
AEILGAPHSDLVPISKIQMHEALPEEKKKLQLGTETYPFLTYTGMSALEEPSERVYGVKYFHNMGAFMANPTALFTAMAT
EKPYPVKAFFALASNALMGYANQQNALKGLMNQDLVVCYDQFMTPTAQLADYVLPGDHWLERPVVQPNWEGIPFGNTSQQ
VVEPAGEAKDEYYFIRELAVRMGLEEHFPWKDRLELINYRISPTGMEWEEYQKQYTYMSKLPDYFGPEGVGVATPSGKVE
LYSSVFEKLGYDPLPYYHEPLQTEISDPELAKEYPLILFAGLREDSNFQSCYHQPGILRDAEPDPVALLHPKTAQSLGLP
SGEWIWVETTHGRLKLLLKHDGAQPEGTIRIPHGRWCPEQEGGPETGFSGAMLHNDAMVLSDDDWNLDPEQGLPNLRGGI
LAKAYKC
;
_entity_poly.pdbx_strand_id   A
#
# COMPACT_ATOMS: atom_id res chain seq x y z
N LYS A 1 4.99 9.31 32.73
CA LYS A 1 4.43 9.37 31.33
C LYS A 1 5.50 9.15 30.26
N LYS A 2 5.18 8.30 29.29
CA LYS A 2 6.09 8.00 28.20
C LYS A 2 5.49 8.47 26.88
N HIS A 3 6.33 8.85 25.92
CA HIS A 3 5.87 9.00 24.52
C HIS A 3 6.18 7.68 23.80
N VAL A 4 5.18 7.17 23.07
CA VAL A 4 5.28 5.83 22.47
C VAL A 4 4.75 5.92 21.05
N VAL A 5 5.44 5.30 20.11
CA VAL A 5 4.89 5.15 18.77
C VAL A 5 3.84 4.01 18.80
N CYS A 6 2.57 4.33 18.54
CA CYS A 6 1.57 3.30 18.54
C CYS A 6 1.80 2.41 17.33
N GLN A 7 1.88 1.10 17.58
CA GLN A 7 2.04 0.13 16.47
C GLN A 7 0.81 -0.77 16.40
N SER A 8 -0.33 -0.26 16.86
CA SER A 8 -1.58 -0.98 16.69
C SER A 8 -2.09 -0.89 15.25
N CYS A 9 -1.55 0.07 14.48
CA CYS A 9 -1.65 0.02 13.02
C CYS A 9 -0.42 0.76 12.49
N ASP A 10 -0.30 0.83 11.18
CA ASP A 10 0.98 1.20 10.60
C ASP A 10 1.22 2.71 10.35
N ILE A 11 0.23 3.56 10.63
CA ILE A 11 0.47 4.99 10.48
C ILE A 11 1.34 5.53 11.63
N ASN A 12 1.32 4.83 12.77
CA ASN A 12 2.28 5.07 13.86
C ASN A 12 2.17 6.47 14.50
N CYS A 13 0.94 6.86 14.82
CA CYS A 13 0.72 8.03 15.68
C CYS A 13 1.58 7.89 16.94
N VAL A 14 2.16 9.01 17.38
CA VAL A 14 2.84 9.02 18.66
C VAL A 14 1.83 9.39 19.75
N VAL A 15 1.71 8.50 20.73
CA VAL A 15 0.75 8.65 21.82
C VAL A 15 1.50 8.78 23.14
N GLU A 16 0.75 9.01 24.20
CA GLU A 16 1.33 9.00 25.53
C GLU A 16 0.80 7.78 26.27
N ALA A 17 1.65 7.19 27.12
CA ALA A 17 1.25 6.03 27.91
C ALA A 17 1.73 6.20 29.31
N GLU A 18 0.96 5.64 30.24
CA GLU A 18 1.33 5.65 31.63
C GLU A 18 0.80 4.40 32.33
N VAL A 19 1.66 3.78 33.14
CA VAL A 19 1.25 2.65 33.96
C VAL A 19 0.51 3.16 35.19
N LYS A 20 -0.72 2.70 35.37
N LYS A 20 -0.71 2.68 35.37
CA LYS A 20 -1.52 3.09 36.53
CA LYS A 20 -1.55 3.07 36.52
C LYS A 20 -1.16 2.24 37.75
C LYS A 20 -1.16 2.25 37.74
N ALA A 21 -1.66 2.64 38.91
CA ALA A 21 -1.32 1.95 40.17
C ALA A 21 -1.56 0.44 40.13
N ASP A 22 -2.63 0.03 39.44
CA ASP A 22 -2.99 -1.38 39.31
C ASP A 22 -2.26 -2.13 38.20
N GLY A 23 -1.31 -1.46 37.55
CA GLY A 23 -0.52 -2.10 36.51
C GLY A 23 -1.04 -1.96 35.09
N LYS A 24 -2.31 -1.55 34.94
CA LYS A 24 -2.91 -1.33 33.63
C LYS A 24 -2.20 -0.16 32.95
N ILE A 25 -1.97 -0.26 31.65
CA ILE A 25 -1.38 0.84 30.90
C ILE A 25 -2.47 1.65 30.25
N GLN A 26 -2.53 2.94 30.60
CA GLN A 26 -3.44 3.85 29.98
C GLN A 26 -2.74 4.57 28.84
N THR A 27 -3.34 4.52 27.65
CA THR A 27 -2.84 5.24 26.48
C THR A 27 -3.78 6.39 26.12
N LYS A 28 -3.20 7.52 25.74
CA LYS A 28 -3.98 8.70 25.35
C LYS A 28 -3.26 9.51 24.27
N SER A 29 -3.99 10.41 23.61
CA SER A 29 -3.37 11.27 22.62
C SER A 29 -2.31 12.10 23.31
N ILE A 30 -1.21 12.31 22.60
CA ILE A 30 -0.09 13.02 23.18
C ILE A 30 -0.52 14.43 23.60
N SER A 31 -0.23 14.77 24.85
CA SER A 31 -0.67 16.05 25.43
C SER A 31 0.26 17.23 25.10
N GLU A 32 1.44 16.93 24.59
CA GLU A 32 2.40 17.92 24.16
C GLU A 32 2.33 18.14 22.66
N PRO A 33 2.75 19.32 22.17
CA PRO A 33 2.79 19.56 20.73
C PRO A 33 3.85 18.69 20.04
N HIS A 34 3.40 17.65 19.35
CA HIS A 34 4.32 16.72 18.70
C HIS A 34 4.69 17.20 17.28
N PRO A 35 5.96 17.02 16.87
CA PRO A 35 6.39 17.50 15.55
C PRO A 35 5.65 16.90 14.35
N THR A 36 5.13 15.69 14.49
CA THR A 36 4.50 15.01 13.35
C THR A 36 3.07 14.57 13.60
N THR A 37 2.75 14.18 14.83
CA THR A 37 1.42 13.69 15.17
C THR A 37 0.57 14.85 15.71
N PRO A 38 -0.48 15.24 14.97
CA PRO A 38 -1.33 16.34 15.44
C PRO A 38 -2.12 16.01 16.70
N PRO A 39 -2.65 17.03 17.41
CA PRO A 39 -3.39 16.75 18.65
C PRO A 39 -4.62 15.87 18.41
N ASN A 40 -5.06 15.18 19.46
CA ASN A 40 -6.25 14.33 19.40
C ASN A 40 -6.11 13.17 18.41
N SER A 41 -4.87 12.72 18.24
CA SER A 41 -4.61 11.57 17.36
C SER A 41 -4.42 10.28 18.15
N ILE A 42 -5.54 9.69 18.57
CA ILE A 42 -5.56 8.33 19.09
C ILE A 42 -6.90 7.70 18.77
N CYS A 43 -6.92 6.40 18.52
CA CYS A 43 -8.17 5.70 18.16
C CYS A 43 -8.45 4.57 19.14
N MET A 44 -9.61 3.91 19.00
CA MET A 44 -10.00 2.85 19.91
C MET A 44 -8.99 1.70 19.93
N LYS A 45 -8.31 1.44 18.81
CA LYS A 45 -7.35 0.32 18.77
C LYS A 45 -6.20 0.59 19.72
N SER A 46 -5.76 1.84 19.76
CA SER A 46 -4.69 2.25 20.65
C SER A 46 -5.13 2.41 22.09
N VAL A 47 -6.27 3.07 22.29
CA VAL A 47 -6.82 3.27 23.64
C VAL A 47 -6.94 1.94 24.37
N ASN A 48 -7.33 0.92 23.62
CA ASN A 48 -7.57 -0.39 24.20
C ASN A 48 -6.45 -1.38 23.94
N ALA A 49 -5.27 -0.88 23.55
CA ALA A 49 -4.16 -1.77 23.25
C ALA A 49 -3.72 -2.67 24.40
N ASP A 50 -3.87 -2.16 25.63
CA ASP A 50 -3.46 -2.97 26.78
C ASP A 50 -4.33 -4.20 26.95
N THR A 51 -5.56 -4.16 26.43
CA THR A 51 -6.43 -5.36 26.49
C THR A 51 -5.89 -6.49 25.60
N ILE A 52 -5.08 -6.10 24.61
CA ILE A 52 -4.38 -7.06 23.76
C ILE A 52 -3.06 -7.47 24.40
N ARG A 53 -2.27 -6.47 24.85
CA ARG A 53 -1.02 -6.80 25.54
C ARG A 53 -1.23 -7.79 26.71
N THR A 54 -2.35 -7.62 27.44
CA THR A 54 -2.60 -8.46 28.62
C THR A 54 -3.65 -9.54 28.38
N HIS A 55 -4.00 -9.78 27.12
CA HIS A 55 -5.08 -10.71 26.81
C HIS A 55 -4.76 -12.09 27.35
N LYS A 56 -5.74 -12.76 27.97
CA LYS A 56 -5.47 -14.10 28.52
C LYS A 56 -5.02 -15.11 27.48
N ASP A 57 -5.38 -14.89 26.21
CA ASP A 57 -4.99 -15.81 25.13
C ASP A 57 -3.67 -15.46 24.47
N ARG A 58 -3.02 -14.39 24.93
CA ARG A 58 -1.73 -14.03 24.35
C ARG A 58 -0.73 -15.17 24.57
N VAL A 59 0.03 -15.49 23.53
CA VAL A 59 1.09 -16.48 23.63
C VAL A 59 2.31 -15.83 24.26
N LEU A 60 2.69 -16.28 25.46
CA LEU A 60 3.80 -15.68 26.20
C LEU A 60 5.01 -16.60 26.33
N TYR A 61 4.89 -17.83 25.86
CA TYR A 61 5.95 -18.83 25.97
C TYR A 61 6.05 -19.61 24.67
N PRO A 62 7.26 -20.03 24.32
CA PRO A 62 7.38 -20.88 23.13
C PRO A 62 6.53 -22.15 23.24
N LEU A 63 5.86 -22.47 22.13
CA LEU A 63 5.08 -23.71 22.04
C LEU A 63 5.62 -24.59 20.93
N LYS A 64 5.78 -25.87 21.21
CA LYS A 64 6.14 -26.86 20.23
C LYS A 64 4.94 -27.71 19.87
N ASN A 65 4.71 -27.93 18.60
CA ASN A 65 3.66 -28.83 18.21
C ASN A 65 4.12 -30.26 18.41
N VAL A 66 3.36 -30.99 19.23
CA VAL A 66 3.68 -32.38 19.52
C VAL A 66 2.62 -33.31 18.99
N GLY A 67 1.87 -32.83 18.01
CA GLY A 67 0.92 -33.68 17.29
C GLY A 67 1.64 -34.52 16.24
N SER A 68 0.86 -35.31 15.51
CA SER A 68 1.42 -36.19 14.49
C SER A 68 1.09 -35.70 13.08
N LYS A 69 0.36 -34.60 12.97
CA LYS A 69 0.05 -34.02 11.65
C LYS A 69 0.07 -32.50 11.75
N ARG A 70 0.62 -31.82 10.75
CA ARG A 70 0.61 -30.37 10.77
C ARG A 70 -0.83 -29.88 10.82
N GLY A 71 -1.07 -28.87 11.65
CA GLY A 71 -2.45 -28.37 11.91
C GLY A 71 -3.18 -28.99 13.07
N GLU A 72 -2.66 -30.09 13.59
CA GLU A 72 -3.26 -30.69 14.80
C GLU A 72 -2.92 -29.82 16.01
N GLN A 73 -3.95 -29.49 16.81
CA GLN A 73 -3.73 -28.56 17.91
C GLN A 73 -3.28 -29.30 19.17
N ARG A 74 -2.04 -29.77 19.13
CA ARG A 74 -1.48 -30.47 20.28
C ARG A 74 -0.15 -29.80 20.57
N TRP A 75 -0.14 -28.97 21.60
CA TRP A 75 0.95 -28.04 21.87
C TRP A 75 1.56 -28.30 23.25
N GLU A 76 2.88 -28.18 23.35
CA GLU A 76 3.56 -28.24 24.66
C GLU A 76 4.51 -27.09 24.81
N ARG A 77 4.40 -26.37 25.92
CA ARG A 77 5.37 -25.33 26.25
C ARG A 77 6.82 -25.85 26.28
N ILE A 78 7.73 -25.11 25.63
CA ILE A 78 9.17 -25.38 25.73
CA ILE A 78 9.18 -25.39 25.71
C ILE A 78 9.93 -24.09 25.98
N SER A 79 11.23 -24.19 26.21
CA SER A 79 12.07 -23.02 26.45
C SER A 79 12.46 -22.38 25.13
N TRP A 80 12.80 -21.10 25.16
CA TRP A 80 13.43 -20.46 23.97
C TRP A 80 14.68 -21.22 23.52
N ASP A 81 15.51 -21.62 24.50
CA ASP A 81 16.76 -22.28 24.18
C ASP A 81 16.51 -23.59 23.41
N GLN A 82 15.57 -24.41 23.90
CA GLN A 82 15.27 -25.67 23.25
C GLN A 82 14.58 -25.46 21.89
N ALA A 83 13.66 -24.50 21.84
CA ALA A 83 13.00 -24.19 20.57
C ALA A 83 14.02 -23.79 19.52
N LEU A 84 14.94 -22.90 19.89
CA LEU A 84 15.94 -22.43 18.95
C LEU A 84 16.89 -23.57 18.54
N ASP A 85 17.27 -24.42 19.50
CA ASP A 85 18.13 -25.55 19.16
C ASP A 85 17.45 -26.43 18.12
N GLU A 86 16.17 -26.73 18.33
CA GLU A 86 15.45 -27.63 17.43
C GLU A 86 15.19 -26.99 16.07
N ILE A 87 14.83 -25.71 16.09
CA ILE A 87 14.62 -24.98 14.84
C ILE A 87 15.90 -24.99 14.00
N ALA A 88 17.05 -24.69 14.64
CA ALA A 88 18.32 -24.66 13.93
C ALA A 88 18.69 -26.05 13.39
N GLU A 89 18.51 -27.07 14.23
CA GLU A 89 18.82 -28.42 13.79
C GLU A 89 17.99 -28.81 12.55
N LYS A 90 16.69 -28.54 12.59
CA LYS A 90 15.82 -28.89 11.48
CA LYS A 90 15.81 -28.88 11.48
C LYS A 90 16.11 -28.04 10.23
N LEU A 91 16.34 -26.75 10.43
CA LEU A 91 16.68 -25.89 9.30
C LEU A 91 18.00 -26.33 8.63
N LYS A 92 18.99 -26.71 9.42
CA LYS A 92 20.24 -27.21 8.83
C LYS A 92 19.99 -28.42 7.94
N LYS A 93 19.15 -29.35 8.40
CA LYS A 93 18.82 -30.53 7.60
C LYS A 93 18.10 -30.16 6.31
N ILE A 94 17.15 -29.22 6.43
CA ILE A 94 16.40 -28.78 5.27
C ILE A 94 17.32 -28.11 4.23
N ILE A 95 18.19 -27.22 4.72
CA ILE A 95 19.12 -26.51 3.84
C ILE A 95 20.15 -27.46 3.21
N ALA A 96 20.58 -28.46 3.96
CA ALA A 96 21.54 -29.42 3.39
C ALA A 96 20.90 -30.20 2.24
N LYS A 97 19.60 -30.47 2.34
CA LYS A 97 18.90 -31.29 1.35
C LYS A 97 18.42 -30.44 0.17
N TYR A 98 17.92 -29.25 0.47
CA TYR A 98 17.21 -28.48 -0.53
C TYR A 98 17.84 -27.12 -0.85
N GLY A 99 18.96 -26.80 -0.20
CA GLY A 99 19.60 -25.51 -0.45
C GLY A 99 19.04 -24.42 0.45
N PRO A 100 19.80 -23.34 0.67
CA PRO A 100 19.26 -22.27 1.53
C PRO A 100 18.04 -21.58 0.94
N GLU A 101 17.93 -21.58 -0.39
CA GLU A 101 16.77 -21.03 -1.07
C GLU A 101 15.46 -21.74 -0.70
N SER A 102 15.57 -22.89 -0.03
CA SER A 102 14.37 -23.58 0.45
CA SER A 102 14.40 -23.61 0.46
C SER A 102 13.77 -23.00 1.72
N LEU A 103 14.37 -21.95 2.27
CA LEU A 103 13.75 -21.18 3.37
C LEU A 103 13.00 -19.99 2.78
N GLY A 104 11.69 -19.95 3.07
CA GLY A 104 10.83 -18.83 2.73
C GLY A 104 10.48 -18.05 3.99
N VAL A 105 10.34 -16.74 3.88
CA VAL A 105 9.98 -15.89 5.03
C VAL A 105 8.89 -14.92 4.64
N SER A 106 7.84 -14.79 5.45
CA SER A 106 6.85 -13.74 5.29
C SER A 106 6.96 -12.87 6.54
N GLN A 107 7.40 -11.64 6.38
CA GLN A 107 7.64 -10.76 7.53
C GLN A 107 6.96 -9.44 7.34
N THR A 108 6.24 -8.96 8.36
CA THR A 108 5.75 -7.60 8.34
C THR A 108 6.55 -6.79 9.35
N GLU A 109 7.58 -6.10 8.90
CA GLU A 109 8.46 -5.45 9.85
C GLU A 109 7.80 -4.24 10.51
N ILE A 110 6.84 -3.58 9.85
CA ILE A 110 6.24 -2.42 10.52
C ILE A 110 5.50 -2.79 11.80
N ASN A 111 5.10 -4.06 11.90
CA ASN A 111 4.42 -4.49 13.10
C ASN A 111 5.35 -4.75 14.29
N GLN A 112 6.66 -4.78 14.02
CA GLN A 112 7.65 -5.22 15.00
C GLN A 112 8.69 -4.17 15.30
N GLN A 113 9.24 -3.58 14.23
CA GLN A 113 10.15 -2.43 14.32
C GLN A 113 11.26 -2.74 15.32
N SER A 114 11.91 -3.90 15.08
CA SER A 114 12.87 -4.43 16.04
C SER A 114 14.12 -5.07 15.44
N GLU A 115 14.20 -5.23 14.10
CA GLU A 115 15.36 -5.98 13.59
C GLU A 115 16.37 -5.13 12.82
N TYR A 116 15.97 -3.95 12.31
CA TYR A 116 16.94 -2.95 11.84
C TYR A 116 17.81 -3.46 10.69
N GLY A 117 17.31 -4.40 9.92
CA GLY A 117 18.06 -4.98 8.77
C GLY A 117 18.65 -6.34 9.04
N THR A 118 18.60 -6.80 10.29
CA THR A 118 19.24 -8.06 10.61
C THR A 118 18.48 -9.28 10.09
N LEU A 119 17.19 -9.14 9.75
CA LEU A 119 16.48 -10.25 9.18
C LEU A 119 17.00 -10.60 7.79
N ARG A 120 17.06 -9.60 6.90
CA ARG A 120 17.61 -9.91 5.58
C ARG A 120 19.12 -10.21 5.68
N ARG A 121 19.80 -9.60 6.67
CA ARG A 121 21.20 -9.95 6.95
C ARG A 121 21.34 -11.46 7.13
N PHE A 122 20.53 -12.01 8.02
CA PHE A 122 20.53 -13.44 8.26
C PHE A 122 20.22 -14.25 7.01
N MET A 123 19.17 -13.86 6.28
CA MET A 123 18.81 -14.60 5.09
C MET A 123 19.93 -14.53 4.04
N ASN A 124 20.57 -13.36 3.91
CA ASN A 124 21.60 -13.17 2.89
C ASN A 124 22.86 -13.94 3.22
N LEU A 125 23.15 -14.09 4.51
CA LEU A 125 24.27 -14.92 4.93
C LEU A 125 23.96 -16.41 4.78
N LEU A 126 22.72 -16.82 5.04
CA LEU A 126 22.38 -18.23 4.80
C LEU A 126 22.38 -18.56 3.32
N GLY A 127 21.91 -17.61 2.49
CA GLY A 127 21.84 -17.77 1.03
C GLY A 127 20.43 -17.84 0.50
N SER A 128 19.44 -17.42 1.30
CA SER A 128 18.05 -17.44 0.80
C SER A 128 17.59 -16.07 0.33
N PRO A 129 17.14 -15.99 -0.93
CA PRO A 129 16.53 -14.79 -1.44
C PRO A 129 15.02 -14.74 -1.18
N ASN A 130 14.46 -15.80 -0.60
CA ASN A 130 13.00 -15.96 -0.62
C ASN A 130 12.23 -15.28 0.51
N TRP A 131 12.39 -13.97 0.58
CA TRP A 131 11.67 -13.10 1.50
C TRP A 131 10.50 -12.47 0.79
N THR A 132 9.33 -12.49 1.43
CA THR A 132 8.23 -11.72 0.91
C THR A 132 7.49 -11.11 2.11
N SER A 133 6.44 -10.35 1.82
CA SER A 133 5.76 -9.62 2.84
C SER A 133 4.39 -9.27 2.31
N ALA A 134 3.42 -9.14 3.22
CA ALA A 134 2.08 -8.81 2.78
C ALA A 134 2.08 -7.44 2.11
N MET A 135 3.11 -6.65 2.39
CA MET A 135 3.26 -5.35 1.74
C MET A 135 3.67 -5.44 0.26
N TYR A 136 3.78 -6.66 -0.24
CA TYR A 136 3.90 -6.87 -1.68
C TYR A 136 2.73 -6.23 -2.44
N MET A 137 1.58 -6.03 -1.80
CA MET A 137 0.51 -5.25 -2.43
C MET A 137 0.06 -4.09 -1.56
N CYS A 138 0.98 -3.53 -0.78
N CYS A 138 1.02 -3.51 -0.84
CA CYS A 138 0.70 -2.31 -0.04
CA CYS A 138 0.75 -2.31 -0.06
C CYS A 138 2.02 -1.61 0.28
C CYS A 138 2.04 -1.61 0.28
N ILE A 139 2.35 -0.58 -0.50
CA ILE A 139 3.56 0.22 -0.32
C ILE A 139 4.81 -0.41 -0.90
N GLY A 140 5.05 -1.70 -0.66
CA GLY A 140 6.27 -2.32 -1.21
C GLY A 140 6.30 -2.36 -2.74
N ASN A 141 5.19 -2.80 -3.34
CA ASN A 141 5.07 -2.72 -4.80
C ASN A 141 5.16 -1.26 -5.26
N THR A 142 4.47 -0.38 -4.53
CA THR A 142 4.41 1.03 -4.95
C THR A 142 5.80 1.61 -5.01
N ALA A 143 6.62 1.30 -4.02
CA ALA A 143 7.98 1.78 -4.01
C ALA A 143 8.76 1.32 -5.24
N GLY A 144 8.56 0.08 -5.68
CA GLY A 144 9.20 -0.38 -6.93
C GLY A 144 8.82 0.48 -8.14
N VAL A 145 7.52 0.78 -8.26
CA VAL A 145 7.03 1.60 -9.37
C VAL A 145 7.58 3.03 -9.26
N HIS A 146 7.56 3.59 -8.06
CA HIS A 146 8.14 4.93 -7.85
C HIS A 146 9.61 4.93 -8.20
N ARG A 147 10.31 3.86 -7.88
CA ARG A 147 11.74 3.79 -8.12
C ARG A 147 12.12 3.74 -9.59
N VAL A 148 11.38 2.99 -10.38
CA VAL A 148 11.67 3.01 -11.82
C VAL A 148 11.33 4.36 -12.47
N THR A 149 10.41 5.09 -11.84
CA THR A 149 9.96 6.36 -12.39
C THR A 149 10.85 7.51 -11.93
N HIS A 150 11.16 7.54 -10.62
CA HIS A 150 11.93 8.66 -10.07
C HIS A 150 12.83 8.26 -8.92
N GLY A 151 13.21 6.98 -8.88
CA GLY A 151 14.34 6.54 -8.07
C GLY A 151 14.13 6.28 -6.58
N SER A 152 12.96 6.68 -6.08
CA SER A 152 12.66 6.64 -4.65
C SER A 152 11.18 6.91 -4.44
N TYR A 153 10.61 6.24 -3.46
CA TYR A 153 9.20 6.37 -3.08
C TYR A 153 8.94 7.76 -2.52
N SER A 154 7.84 8.39 -2.97
CA SER A 154 7.56 9.77 -2.57
C SER A 154 6.57 9.84 -1.41
N PHE A 155 6.58 11.01 -0.76
CA PHE A 155 5.76 11.30 0.39
C PHE A 155 5.05 12.63 0.18
N ALA A 156 3.72 12.62 0.32
N ALA A 156 3.73 12.58 0.17
CA ALA A 156 2.91 13.82 0.18
CA ALA A 156 2.92 13.79 0.05
C ALA A 156 2.75 14.64 1.48
C ALA A 156 3.24 14.69 1.24
N SER A 157 2.82 15.97 1.35
N SER A 157 3.50 15.96 0.96
CA SER A 157 2.79 16.87 2.49
CA SER A 157 3.51 16.95 2.03
C SER A 157 1.38 17.40 2.81
C SER A 157 2.14 17.56 2.17
N PHE A 158 0.77 16.89 3.88
N PHE A 158 1.36 17.08 3.13
CA PHE A 158 -0.52 17.42 4.32
CA PHE A 158 0.06 17.66 3.40
C PHE A 158 -0.40 18.88 4.76
C PHE A 158 0.20 19.13 3.80
N ALA A 159 0.72 19.23 5.37
N ALA A 159 1.28 19.43 4.53
CA ALA A 159 0.94 20.61 5.86
CA ALA A 159 1.48 20.79 5.04
C ALA A 159 1.05 21.64 4.73
C ALA A 159 1.75 21.81 3.92
N ASP A 160 1.64 21.26 3.60
N ASP A 160 2.42 21.39 2.85
CA ASP A 160 1.93 22.24 2.57
CA ASP A 160 2.81 22.34 1.81
C ASP A 160 1.00 22.18 1.37
C ASP A 160 1.94 22.27 0.55
N SER A 161 0.15 21.16 1.28
N SER A 161 1.03 21.31 0.50
CA SER A 161 -0.71 21.01 0.12
CA SER A 161 0.18 21.16 -0.67
C SER A 161 -1.87 21.99 0.10
C SER A 161 -0.93 22.19 -0.72
N ASN A 162 -2.16 22.53 -1.09
N ASN A 162 -1.23 22.68 -1.92
CA ASN A 162 -3.36 23.36 -1.28
CA ASN A 162 -2.42 23.50 -2.14
C ASN A 162 -4.41 22.58 -2.04
C ASN A 162 -3.47 22.73 -2.94
N CYS A 163 -4.06 21.35 -2.39
N CYS A 163 -3.11 21.51 -3.30
CA CYS A 163 -5.01 20.40 -2.94
CA CYS A 163 -4.07 20.57 -3.89
C CYS A 163 -4.53 19.00 -2.57
C CYS A 163 -3.63 19.18 -3.50
N LEU A 164 -5.48 18.20 -2.09
N LEU A 164 -4.60 18.38 -3.05
CA LEU A 164 -5.25 16.80 -1.79
CA LEU A 164 -4.40 16.99 -2.70
C LEU A 164 -6.19 15.97 -2.65
C LEU A 164 -5.32 16.16 -3.56
N LEU A 165 -5.68 14.88 -3.23
N LEU A 165 -4.79 15.08 -4.13
CA LEU A 165 -6.49 13.94 -3.99
CA LEU A 165 -5.62 14.16 -4.86
C LEU A 165 -6.48 12.59 -3.27
C LEU A 165 -5.64 12.82 -4.15
N PHE A 166 -7.66 12.21 -2.76
N PHE A 166 -6.82 12.44 -3.66
CA PHE A 166 -7.85 10.96 -2.00
CA PHE A 166 -7.04 11.23 -2.89
C PHE A 166 -8.40 9.84 -2.87
C PHE A 166 -7.57 10.10 -3.76
N ILE A 167 -7.71 8.69 -2.87
N ILE A 167 -6.88 8.96 -3.72
CA ILE A 167 -8.19 7.49 -3.53
CA ILE A 167 -7.35 7.72 -4.34
C ILE A 167 -8.70 6.57 -2.40
C ILE A 167 -7.91 6.83 -3.22
N GLY A 168 -10.01 6.44 -2.24
N GLY A 168 -9.22 6.76 -3.11
CA GLY A 168 -10.53 5.76 -1.05
CA GLY A 168 -9.85 6.11 -1.96
C GLY A 168 -10.13 6.53 0.19
C GLY A 168 -9.50 6.88 -0.69
N LYS A 169 -9.37 5.89 1.08
N LYS A 169 -8.80 6.21 0.23
CA LYS A 169 -8.87 6.56 2.28
CA LYS A 169 -8.35 6.83 1.49
C LYS A 169 -10.03 7.00 3.19
C LYS A 169 -9.50 7.35 2.34
N ASN A 170 -10.72 6.02 3.74
N ASN A 170 -10.21 6.41 2.96
CA ASN A 170 -11.88 6.23 4.60
CA ASN A 170 -11.39 6.69 3.78
C ASN A 170 -11.41 6.68 5.99
C ASN A 170 -10.95 7.08 5.19
N LEU A 171 -10.72 7.81 6.03
N LEU A 171 -10.18 8.18 5.25
CA LEU A 171 -10.20 8.33 7.28
CA LEU A 171 -9.60 8.63 6.51
C LEU A 171 -11.29 8.64 8.29
C LEU A 171 -10.69 9.06 7.48
N SER A 172 -11.00 8.38 9.56
N SER A 172 -10.44 8.82 8.77
CA SER A 172 -11.95 8.66 10.61
CA SER A 172 -11.38 9.15 9.82
C SER A 172 -11.23 8.66 11.94
C SER A 172 -10.72 9.15 11.19
N ASN A 173 -11.99 8.90 13.01
N ASN A 173 -11.50 9.40 12.22
CA ASN A 173 -11.42 8.83 14.34
CA ASN A 173 -10.97 9.39 13.57
C ASN A 173 -10.85 7.46 14.70
C ASN A 173 -10.44 8.02 13.99
N HIS A 174 -11.12 6.45 13.87
N HIS A 174 -10.75 6.98 13.21
CA HIS A 174 -10.54 5.13 14.14
CA HIS A 174 -10.24 5.65 13.53
C HIS A 174 -9.93 4.43 12.92
C HIS A 174 -9.63 4.94 12.34
N ASN A 175 -9.67 5.21 11.88
N ASN A 175 -9.33 5.71 11.30
CA ASN A 175 -8.88 4.75 10.73
CA ASN A 175 -8.54 5.21 10.18
C ASN A 175 -7.85 5.82 10.48
C ASN A 175 -7.42 6.19 9.86
N TRP A 176 -6.60 5.52 10.87
N TRP A 176 -6.22 5.91 10.38
CA TRP A 176 -5.49 6.45 10.66
CA TRP A 176 -5.08 6.78 10.18
C TRP A 176 -5.87 7.83 11.19
C TRP A 176 -5.42 8.19 10.65
N VAL A 177 -6.22 7.88 12.47
N VAL A 177 -5.81 8.30 11.92
CA VAL A 177 -6.75 9.11 13.09
CA VAL A 177 -6.36 9.54 12.47
C VAL A 177 -5.79 10.31 12.96
C VAL A 177 -5.37 10.70 12.36
N SER A 178 -4.48 10.07 13.11
N SER A 178 -4.08 10.41 12.48
CA SER A 178 -3.51 11.16 12.91
CA SER A 178 -3.09 11.45 12.29
C SER A 178 -3.66 11.80 11.54
C SER A 178 -3.15 12.06 10.89
N GLN A 179 -3.75 10.97 10.49
N GLN A 179 -3.29 11.22 9.87
CA GLN A 179 -3.91 11.50 9.15
CA GLN A 179 -3.36 11.75 8.50
C GLN A 179 -5.30 12.14 8.96
C GLN A 179 -4.70 12.41 8.22
N PHE A 180 -6.31 11.58 9.61
N PHE A 180 -5.76 11.90 8.85
CA PHE A 180 -7.63 12.21 9.66
CA PHE A 180 -7.06 12.56 8.78
C PHE A 180 -7.53 13.66 10.19
C PHE A 180 -6.92 13.98 9.33
N ASN A 181 -6.78 13.83 11.27
N ASN A 181 -6.20 14.12 10.43
CA ASN A 181 -6.53 15.16 11.83
CA ASN A 181 -6.01 15.46 11.03
C ASN A 181 -5.68 16.05 10.93
C ASN A 181 -5.14 16.37 10.15
N ASP A 182 -4.68 15.46 10.28
N ASP A 182 -4.13 15.78 9.52
CA ASP A 182 -3.89 16.17 9.27
CA ASP A 182 -3.33 16.50 8.54
C ASP A 182 -4.80 16.73 8.17
C ASP A 182 -4.21 16.97 7.38
N LEU A 183 -5.71 15.89 7.68
N LEU A 183 -5.12 16.11 6.93
CA LEU A 183 -6.63 16.31 6.63
CA LEU A 183 -6.03 16.51 5.85
C LEU A 183 -7.49 17.48 7.10
C LEU A 183 -6.86 17.70 6.29
N LYS A 184 -8.05 17.36 8.29
N LYS A 184 -7.46 17.61 7.47
CA LYS A 184 -8.93 18.39 8.80
CA LYS A 184 -8.33 18.69 7.94
C LYS A 184 -8.20 19.72 8.92
C LYS A 184 -7.58 20.00 8.12
N ALA A 185 -6.94 19.66 9.39
N ALA A 185 -6.34 19.92 8.61
CA ALA A 185 -6.09 20.85 9.47
CA ALA A 185 -5.52 21.13 8.70
C ALA A 185 -5.90 21.48 8.11
C ALA A 185 -5.26 21.73 7.31
N ALA A 186 -5.60 20.64 7.11
N ALA A 186 -4.93 20.87 6.35
CA ALA A 186 -5.41 21.07 5.74
CA ALA A 186 -4.76 21.33 4.97
C ALA A 186 -6.63 21.81 5.21
C ALA A 186 -6.03 21.99 4.43
N LEU A 187 -7.79 21.17 5.35
N LEU A 187 -7.17 21.35 4.65
CA LEU A 187 -9.03 21.78 4.89
CA LEU A 187 -8.41 21.93 4.16
C LEU A 187 -9.24 23.17 5.49
C LEU A 187 -8.68 23.30 4.78
N LYS A 188 -8.91 23.33 6.76
N LYS A 188 -8.37 23.45 6.06
CA LYS A 188 -9.10 24.59 7.44
CA LYS A 188 -8.55 24.76 6.71
C LYS A 188 -8.11 25.65 6.97
C LYS A 188 -7.58 25.84 6.16
N ARG A 189 -7.01 25.20 6.39
N ARG A 189 -6.47 25.43 5.58
CA ARG A 189 -6.04 26.09 5.77
CA ARG A 189 -5.56 26.38 4.89
C ARG A 189 -6.55 26.59 4.43
C ARG A 189 -6.09 26.80 3.52
N GLY A 190 -7.59 25.92 3.92
N GLY A 190 -7.10 26.10 3.02
CA GLY A 190 -8.14 26.24 2.61
CA GLY A 190 -7.60 26.39 1.69
C GLY A 190 -7.76 25.25 1.54
C GLY A 190 -7.07 25.44 0.63
N CYS A 191 -7.15 24.13 1.96
N CYS A 191 -6.38 24.37 1.05
CA CYS A 191 -6.72 23.12 1.00
CA CYS A 191 -5.91 23.38 0.11
C CYS A 191 -7.94 22.48 0.36
C CYS A 191 -7.10 22.75 -0.62
N LYS A 192 -7.91 22.31 -0.95
N LYS A 192 -7.01 22.59 -1.94
CA LYS A 192 -9.02 21.66 -1.64
CA LYS A 192 -8.06 21.92 -2.69
C LYS A 192 -8.93 20.15 -1.50
C LYS A 192 -7.98 20.40 -2.51
N LEU A 193 -10.06 19.46 -1.63
N LEU A 193 -9.12 19.73 -2.64
CA LEU A 193 -10.06 18.01 -1.51
CA LEU A 193 -9.18 18.27 -2.52
C LEU A 193 -10.83 17.35 -2.64
C LEU A 193 -9.92 17.64 -3.69
N ILE A 194 -10.18 16.40 -3.32
N ILE A 194 -9.26 16.70 -4.36
CA ILE A 194 -10.81 15.64 -4.38
CA ILE A 194 -9.88 15.88 -5.40
C ILE A 194 -10.82 14.21 -3.89
C ILE A 194 -9.93 14.45 -4.87
N VAL A 195 -11.99 13.57 -3.90
N VAL A 195 -11.11 13.83 -4.88
CA VAL A 195 -12.13 12.19 -3.43
CA VAL A 195 -11.26 12.46 -4.41
C VAL A 195 -12.65 11.27 -4.53
C VAL A 195 -11.72 11.55 -5.55
N LEU A 196 -11.86 10.24 -4.86
N LEU A 196 -10.96 10.47 -5.77
CA LEU A 196 -12.31 9.18 -5.75
CA LEU A 196 -11.38 9.42 -6.69
C LEU A 196 -12.69 7.99 -4.89
C LEU A 196 -11.84 8.25 -5.83
N ASP A 197 -13.97 7.64 -4.88
N ASP A 197 -13.14 7.95 -5.85
CA ASP A 197 -14.45 6.51 -4.09
CA ASP A 197 -13.65 6.82 -5.07
C ASP A 197 -15.87 6.15 -4.54
C ASP A 197 -15.05 6.47 -5.54
N PRO A 198 -16.10 4.87 -4.88
N PRO A 198 -15.29 5.20 -5.86
CA PRO A 198 -17.47 4.47 -5.24
CA PRO A 198 -16.65 4.78 -6.20
C PRO A 198 -18.43 4.70 -4.09
C PRO A 198 -17.68 5.03 -5.08
N ARG A 199 -17.89 4.54 -2.88
N ARG A 199 -17.26 5.02 -3.81
CA ARG A 199 -18.62 4.79 -1.67
CA ARG A 199 -18.17 5.13 -2.60
C ARG A 199 -18.41 6.23 -1.32
C ARG A 199 -18.35 6.55 -1.94
N ARG A 200 -19.52 6.89 -1.31
CA ARG A 200 -19.67 8.17 -0.60
C ARG A 200 -19.22 8.11 0.85
N THR A 201 -17.93 8.29 1.16
N THR A 201 -17.88 8.22 0.89
CA THR A 201 -17.54 8.21 2.59
CA THR A 201 -17.05 8.45 2.05
C THR A 201 -17.66 9.57 3.31
C THR A 201 -17.10 9.91 2.45
N LYS A 202 -17.27 9.66 4.58
N LYS A 202 -16.73 10.15 3.70
CA LYS A 202 -17.20 10.95 5.25
CA LYS A 202 -16.70 11.50 4.20
C LYS A 202 -16.21 11.92 4.58
C LYS A 202 -15.68 12.35 3.47
N VAL A 203 -15.03 11.41 4.21
N VAL A 203 -14.54 11.77 3.13
CA VAL A 203 -14.09 12.24 3.44
CA VAL A 203 -13.54 12.53 2.35
C VAL A 203 -14.71 12.64 2.09
C VAL A 203 -14.10 12.92 0.97
N ALA A 204 -15.45 11.75 1.43
N ALA A 204 -14.76 11.97 0.28
CA ALA A 204 -16.19 12.12 0.20
CA ALA A 204 -15.49 12.28 -0.95
C ALA A 204 -17.14 13.30 0.45
C ALA A 204 -16.41 13.49 -0.81
N GLU A 205 -17.84 13.28 1.59
N GLU A 205 -17.18 13.53 0.29
CA GLU A 205 -18.74 14.37 1.97
CA GLU A 205 -18.07 14.67 0.58
C GLU A 205 -18.02 15.71 2.24
C GLU A 205 -17.32 15.95 0.94
N MET A 206 -16.77 15.60 2.66
N MET A 206 -16.08 15.82 1.40
CA MET A 206 -15.95 16.76 2.95
CA MET A 206 -15.26 17.00 1.71
C MET A 206 -15.34 17.33 1.67
C MET A 206 -14.59 17.58 0.47
N ALA A 207 -15.42 16.56 0.58
N ALA A 207 -14.59 16.81 -0.61
CA ALA A 207 -14.66 16.89 -0.61
CA ALA A 207 -13.82 17.16 -1.80
C ALA A 207 -15.23 18.07 -1.37
C ALA A 207 -14.41 18.34 -2.57
N ASP A 208 -14.34 18.83 -2.01
N ASP A 208 -13.50 19.14 -3.13
CA ASP A 208 -14.78 19.84 -2.97
CA ASP A 208 -13.85 20.12 -4.12
C ASP A 208 -15.35 19.17 -4.20
C ASP A 208 -14.36 19.42 -5.38
N ILE A 209 -14.73 18.05 -4.59
N ILE A 209 -13.71 18.32 -5.75
CA ILE A 209 -15.19 17.26 -5.72
CA ILE A 209 -14.12 17.51 -6.89
C ILE A 209 -15.10 15.79 -5.34
C ILE A 209 -14.12 16.04 -6.49
N TRP A 210 -16.25 15.12 -5.36
N TRP A 210 -15.28 15.41 -6.51
CA TRP A 210 -16.33 13.70 -5.12
CA TRP A 210 -15.39 13.98 -6.27
C TRP A 210 -16.64 12.98 -6.44
C TRP A 210 -15.69 13.29 -7.59
N LEU A 211 -15.75 12.10 -6.88
N LEU A 211 -14.79 12.40 -7.99
CA LEU A 211 -15.94 11.35 -8.13
CA LEU A 211 -14.92 11.60 -9.22
C LEU A 211 -16.34 9.93 -7.76
C LEU A 211 -15.32 10.20 -8.81
N PRO A 212 -17.63 9.58 -7.90
N PRO A 212 -16.62 9.85 -8.98
CA PRO A 212 -18.08 8.24 -7.54
CA PRO A 212 -17.10 8.55 -8.58
C PRO A 212 -17.78 7.23 -8.64
C PRO A 212 -16.83 7.49 -9.66
N LEU A 213 -16.51 7.04 -8.95
N LEU A 213 -15.55 7.27 -9.93
CA LEU A 213 -16.13 6.16 -10.05
CA LEU A 213 -15.17 6.37 -11.00
C LEU A 213 -16.44 4.68 -9.77
C LEU A 213 -15.50 4.92 -10.71
N ARG A 214 -16.45 3.90 -10.84
N ARG A 214 -15.51 4.11 -11.77
CA ARG A 214 -16.68 2.46 -10.76
CA ARG A 214 -15.72 2.68 -11.69
C ARG A 214 -15.48 1.76 -10.14
C ARG A 214 -14.51 1.98 -11.03
N TYR A 215 -15.70 0.77 -9.28
N TYR A 215 -14.76 1.02 -10.16
CA TYR A 215 -14.57 0.06 -8.69
CA TYR A 215 -13.67 0.28 -9.52
C TYR A 215 -13.56 -0.36 -9.76
C TYR A 215 -12.66 -0.17 -10.57
N GLY A 216 -12.28 -0.14 -9.47
N GLY A 216 -11.38 0.06 -10.30
CA GLY A 216 -11.22 -0.58 -10.35
CA GLY A 216 -10.33 -0.45 -11.15
C GLY A 216 -10.78 0.33 -11.47
C GLY A 216 -9.83 0.48 -12.23
N THR A 217 -11.44 1.48 -11.61
N THR A 217 -10.51 1.62 -12.43
CA THR A 217 -11.22 2.29 -12.81
CA THR A 217 -10.27 2.42 -13.64
C THR A 217 -10.34 3.52 -12.58
C THR A 217 -9.35 3.63 -13.41
N ASP A 218 -9.71 3.60 -11.41
N ASP A 218 -8.71 3.68 -12.25
CA ASP A 218 -8.86 4.75 -11.14
CA ASP A 218 -7.84 4.81 -11.93
C ASP A 218 -7.84 5.03 -12.24
C ASP A 218 -6.78 5.09 -13.01
N ALA A 219 -7.21 3.99 -12.80
N ALA A 219 -6.12 4.05 -13.53
CA ALA A 219 -6.22 4.21 -13.84
CA ALA A 219 -5.08 4.27 -14.54
C ALA A 219 -6.81 5.04 -14.98
C ALA A 219 -5.66 5.09 -15.69
N ALA A 220 -8.01 4.71 -15.40
N ALA A 220 -6.86 4.72 -16.15
CA ALA A 220 -8.67 5.46 -16.47
CA ALA A 220 -7.51 5.46 -17.22
C ALA A 220 -8.96 6.90 -16.06
C ALA A 220 -7.76 6.91 -16.83
N LEU A 221 -9.44 7.09 -14.85
N LEU A 221 -8.27 7.14 -15.63
CA LEU A 221 -9.70 8.43 -14.33
CA LEU A 221 -8.56 8.50 -15.20
C LEU A 221 -8.41 9.26 -14.40
C LEU A 221 -7.27 9.32 -15.23
N PHE A 222 -7.31 8.68 -13.93
N PHE A 222 -6.19 8.78 -14.68
CA PHE A 222 -6.05 9.42 -13.92
CA PHE A 222 -4.92 9.50 -14.69
C PHE A 222 -5.53 9.72 -15.33
C PHE A 222 -4.33 9.75 -16.09
N LEU A 223 -5.70 8.77 -16.25
N LEU A 223 -4.46 8.78 -16.99
CA LEU A 223 -5.29 9.04 -17.63
CA LEU A 223 -4.05 9.02 -18.37
C LEU A 223 -6.12 10.21 -18.18
C LEU A 223 -4.82 10.19 -19.00
N GLY A 224 -7.41 10.28 -17.81
N GLY A 224 -6.13 10.29 -18.71
CA GLY A 224 -8.25 11.39 -18.25
CA GLY A 224 -6.93 11.43 -19.14
C GLY A 224 -7.73 12.72 -17.69
C GLY A 224 -6.39 12.73 -18.58
N MET A 225 -7.35 12.70 -16.42
N MET A 225 -6.06 12.74 -17.29
CA MET A 225 -6.78 13.90 -15.83
CA MET A 225 -5.51 13.95 -16.70
C MET A 225 -5.47 14.36 -16.51
C MET A 225 -4.19 14.38 -17.37
N ILE A 226 -4.61 13.41 -16.87
N ILE A 226 -3.35 13.40 -17.70
CA ILE A 226 -3.35 13.73 -17.54
CA ILE A 226 -2.07 13.66 -18.34
C ILE A 226 -3.66 14.29 -18.93
C ILE A 226 -2.33 14.18 -19.75
N ASN A 227 -4.64 13.71 -19.62
N ASN A 227 -3.29 13.58 -20.44
CA ASN A 227 -5.10 14.24 -20.90
CA ASN A 227 -3.75 14.09 -21.73
C ASN A 227 -5.45 15.71 -20.76
C ASN A 227 -4.06 15.59 -21.67
N VAL A 228 -6.25 16.04 -19.74
N VAL A 228 -4.83 16.01 -20.67
CA VAL A 228 -6.67 17.43 -19.55
CA VAL A 228 -5.16 17.43 -20.53
C VAL A 228 -5.47 18.32 -19.24
C VAL A 228 -3.95 18.30 -20.19
N ILE A 229 -4.63 17.87 -18.32
N ILE A 229 -3.15 17.86 -19.22
CA ILE A 229 -3.51 18.70 -17.89
CA ILE A 229 -2.03 18.63 -18.73
C ILE A 229 -2.47 18.91 -18.98
C ILE A 229 -0.98 18.83 -19.86
N ILE A 230 -2.22 17.90 -19.81
N ILE A 230 -0.70 17.78 -20.62
CA ILE A 230 -1.32 18.06 -20.94
CA ILE A 230 0.23 17.92 -21.73
C ILE A 230 -1.94 18.94 -22.02
C ILE A 230 -0.42 18.71 -22.85
N ASN A 231 -3.16 18.61 -22.43
N ASN A 231 -1.60 18.32 -23.29
CA ASN A 231 -3.81 19.32 -23.53
CA ASN A 231 -2.23 19.01 -24.43
C ASN A 231 -4.12 20.78 -23.18
C ASN A 231 -2.51 20.49 -24.22
N GLU A 232 -4.42 21.04 -21.91
N GLU A 232 -2.82 20.89 -22.98
CA GLU A 232 -4.68 22.41 -21.43
CA GLU A 232 -3.09 22.30 -22.68
C GLU A 232 -3.39 23.13 -21.03
C GLU A 232 -1.86 23.00 -22.11
N GLN A 233 -2.27 22.40 -21.05
N GLN A 233 -0.74 22.30 -22.15
CA GLN A 233 -0.98 22.95 -20.66
CA GLN A 233 0.53 22.85 -21.69
C GLN A 233 -0.99 23.58 -19.27
C GLN A 233 0.42 23.44 -20.29
N LEU A 234 -1.54 22.81 -18.34
N LEU A 234 0.00 22.60 -19.35
CA LEU A 234 -1.58 23.18 -16.94
CA LEU A 234 -0.19 23.03 -17.96
C LEU A 234 -0.37 22.64 -16.18
C LEU A 234 0.96 22.53 -17.11
N TYR A 235 0.53 22.00 -16.90
N TYR A 235 1.88 21.81 -17.74
CA TYR A 235 1.69 21.37 -16.29
CA TYR A 235 3.03 21.22 -17.05
C TYR A 235 2.84 22.37 -16.14
C TYR A 235 4.18 22.21 -16.84
N ASP A 236 3.84 21.97 -15.37
N ASP A 236 5.11 21.81 -15.98
CA ASP A 236 5.01 22.77 -15.10
CA ASP A 236 6.31 22.58 -15.68
C ASP A 236 6.01 22.57 -16.25
C ASP A 236 7.33 22.38 -16.79
N LYS A 237 5.97 23.48 -17.24
N LYS A 237 7.37 23.31 -17.74
CA LYS A 237 6.83 23.32 -18.40
CA LYS A 237 8.22 23.14 -18.89
C LYS A 237 8.32 23.23 -18.06
C LYS A 237 9.70 23.00 -18.50
N GLU A 238 8.76 23.95 -17.04
N GLU A 238 10.15 23.77 -17.50
CA GLU A 238 10.19 23.95 -16.71
CA GLU A 238 11.55 23.71 -17.07
C GLU A 238 10.59 22.60 -16.09
C GLU A 238 11.90 22.34 -16.50
N PHE A 239 9.79 22.10 -15.16
N PHE A 239 11.08 21.83 -15.60
CA PHE A 239 10.14 20.82 -14.55
CA PHE A 239 11.41 20.51 -15.03
C PHE A 239 10.16 19.72 -15.62
C PHE A 239 11.41 19.42 -16.10
N VAL A 240 9.15 19.71 -16.49
N VAL A 240 10.45 19.47 -17.00
CA VAL A 240 9.10 18.69 -17.53
CA VAL A 240 10.36 18.46 -18.05
C VAL A 240 10.31 18.78 -18.45
C VAL A 240 11.60 18.50 -18.95
N GLU A 241 10.66 20.00 -18.83
N GLU A 241 11.98 19.70 -19.40
CA GLU A 241 11.79 20.20 -19.74
CA GLU A 241 13.17 19.82 -20.25
C GLU A 241 13.12 19.77 -19.12
C GLU A 241 14.45 19.40 -19.55
N ASN A 242 13.33 20.13 -17.86
N ASN A 242 14.62 19.78 -18.29
CA ASN A 242 14.61 19.93 -17.22
CA ASN A 242 15.90 19.58 -17.63
C ASN A 242 14.77 18.59 -16.53
C ASN A 242 16.04 18.25 -16.90
N TRP A 243 13.66 17.98 -16.11
N TRP A 243 14.93 17.67 -16.47
CA TRP A 243 13.76 16.84 -15.19
CA TRP A 243 14.99 16.56 -15.53
C TRP A 243 12.96 15.59 -15.56
C TRP A 243 14.20 15.33 -15.94
N CYS A 244 12.29 15.61 -16.71
N CYS A 244 13.59 15.33 -17.12
CA CYS A 244 11.57 14.44 -17.16
CA CYS A 244 12.80 14.18 -17.55
C CYS A 244 12.03 13.93 -18.50
C CYS A 244 13.27 13.64 -18.87
N VAL A 245 11.82 12.64 -18.74
N VAL A 245 13.08 12.33 -19.07
CA VAL A 245 11.97 12.07 -20.08
CA VAL A 245 13.26 11.73 -20.39
C VAL A 245 10.68 11.35 -20.47
C VAL A 245 11.98 11.00 -20.83
N GLY A 246 10.41 11.34 -21.78
N GLY A 246 11.72 10.97 -22.13
CA GLY A 246 9.27 10.63 -22.32
CA GLY A 246 10.57 10.24 -22.64
C GLY A 246 7.97 11.42 -22.33
C GLY A 246 9.31 11.08 -22.76
N PHE A 247 8.05 12.74 -22.19
N PHE A 247 9.45 12.40 -22.66
CA PHE A 247 6.83 13.54 -22.18
CA PHE A 247 8.27 13.25 -22.69
C PHE A 247 6.07 13.50 -23.51
C PHE A 247 7.51 13.15 -24.03
N GLU A 248 6.78 13.58 -24.63
N GLU A 248 8.24 13.15 -25.15
CA GLU A 248 6.06 13.54 -25.90
CA GLU A 248 7.57 13.06 -26.45
C GLU A 248 5.33 12.20 -26.09
C GLU A 248 6.82 11.73 -26.56
N GLU A 249 5.96 11.12 -25.64
N GLU A 249 7.42 10.65 -26.06
CA GLU A 249 5.38 9.79 -25.72
CA GLU A 249 6.80 9.33 -26.10
C GLU A 249 4.14 9.70 -24.82
C GLU A 249 5.55 9.33 -25.23
N LEU A 250 4.25 10.24 -23.61
N LEU A 250 5.63 10.00 -24.09
CA LEU A 250 3.13 10.33 -22.68
CA LEU A 250 4.50 10.09 -23.20
C LEU A 250 1.99 11.14 -23.27
C LEU A 250 3.37 10.90 -23.87
N LYS A 251 2.32 12.30 -23.84
N LYS A 251 3.72 12.03 -24.48
CA LYS A 251 1.33 13.14 -24.51
CA LYS A 251 2.73 12.84 -25.10
C LYS A 251 0.57 12.36 -25.58
C LYS A 251 1.99 12.03 -26.16
N GLU A 252 1.28 11.62 -26.41
N GLU A 252 2.74 11.25 -26.93
CA GLU A 252 0.61 10.80 -27.41
CA GLU A 252 2.14 10.45 -27.99
C GLU A 252 -0.31 9.77 -26.74
C GLU A 252 1.19 9.43 -27.37
N ARG A 253 0.19 9.10 -25.70
N ARG A 253 1.63 8.76 -26.30
CA ARG A 253 -0.60 8.04 -25.06
CA ARG A 253 0.80 7.75 -25.64
C ARG A 253 -1.94 8.56 -24.54
C ARG A 253 -0.54 8.31 -25.17
N VAL A 254 -1.94 9.70 -23.87
N VAL A 254 -0.53 9.49 -24.56
CA VAL A 254 -3.15 10.15 -23.19
CA VAL A 254 -1.75 10.00 -23.93
C VAL A 254 -4.23 10.63 -24.18
C VAL A 254 -2.79 10.46 -24.95
N GLN A 255 -3.85 10.78 -25.45
N GLN A 255 -2.40 10.51 -26.22
CA GLN A 255 -4.85 11.07 -26.48
CA GLN A 255 -3.38 10.77 -27.26
C GLN A 255 -5.79 9.88 -26.64
C GLN A 255 -4.30 9.56 -27.43
N GLU A 256 -5.36 8.72 -26.14
N GLU A 256 -3.87 8.42 -26.91
CA GLU A 256 -6.21 7.53 -26.16
CA GLU A 256 -4.75 7.25 -26.89
C GLU A 256 -7.26 7.59 -25.06
C GLU A 256 -5.83 7.37 -25.81
N TYR A 257 -7.16 8.60 -24.20
N TYR A 257 -5.70 8.37 -24.94
CA TYR A 257 -8.00 8.68 -23.00
CA TYR A 257 -6.61 8.52 -23.80
C TYR A 257 -8.69 10.03 -22.89
C TYR A 257 -7.27 9.90 -23.75
N PRO A 258 -9.47 10.39 -23.92
N PRO A 258 -8.01 10.23 -24.82
CA PRO A 258 -10.23 11.62 -23.83
CA PRO A 258 -8.73 11.49 -24.80
C PRO A 258 -11.36 11.49 -22.80
C PRO A 258 -9.86 11.41 -23.78
N LEU A 259 -11.89 12.62 -22.36
N LEU A 259 -10.37 12.55 -23.37
CA LEU A 259 -12.83 12.61 -21.25
CA LEU A 259 -11.36 12.55 -22.31
C LEU A 259 -14.11 11.86 -21.57
C LEU A 259 -12.69 11.89 -22.63
N ASP A 260 -14.54 11.85 -22.83
N ASP A 260 -13.14 11.86 -23.89
CA ASP A 260 -15.75 11.10 -23.18
CA ASP A 260 -14.38 11.14 -24.16
C ASP A 260 -15.54 9.60 -22.94
C ASP A 260 -14.21 9.63 -23.94
N LYS A 261 -14.39 9.08 -23.34
N LYS A 261 -13.03 9.11 -24.28
CA LYS A 261 -14.06 7.67 -23.09
CA LYS A 261 -12.73 7.69 -24.08
C LYS A 261 -13.90 7.38 -21.60
C LYS A 261 -12.60 7.40 -22.59
N VAL A 262 -13.17 8.24 -20.90
N VAL A 262 -11.89 8.26 -21.89
CA VAL A 262 -12.92 8.05 -19.48
CA VAL A 262 -11.69 8.09 -20.44
C VAL A 262 -14.22 8.12 -18.68
C VAL A 262 -13.02 8.19 -19.67
N ALA A 263 -15.09 9.06 -19.06
N ALA A 263 -13.87 9.14 -20.05
CA ALA A 263 -16.40 9.17 -18.44
CA ALA A 263 -15.18 9.28 -19.47
C ALA A 263 -17.20 7.89 -18.60
C ALA A 263 -15.97 7.97 -19.65
N GLU A 264 -17.12 7.29 -19.78
N GLU A 264 -15.91 7.38 -20.84
CA GLU A 264 -17.84 6.05 -20.01
CA GLU A 264 -16.58 6.10 -21.09
C GLU A 264 -17.26 4.90 -19.17
C GLU A 264 -16.08 4.98 -20.17
N ILE A 265 -15.93 4.81 -19.13
N ILE A 265 -14.76 4.84 -20.07
CA ILE A 265 -15.27 3.76 -18.35
CA ILE A 265 -14.15 3.79 -19.26
C ILE A 265 -15.59 3.90 -16.86
C ILE A 265 -14.48 3.97 -17.78
N THR A 266 -15.46 5.12 -16.35
N THR A 266 -14.33 5.20 -17.30
CA THR A 266 -15.53 5.34 -14.91
CA THR A 266 -14.45 5.49 -15.85
C THR A 266 -16.96 5.53 -14.35
C THR A 266 -15.87 5.74 -15.36
N GLY A 267 -17.88 5.92 -15.23
N GLY A 267 -16.74 6.17 -16.26
CA GLY A 267 -19.24 6.25 -14.83
CA GLY A 267 -18.10 6.51 -15.90
C GLY A 267 -19.32 7.63 -14.21
C GLY A 267 -18.20 7.94 -15.37
N CYS A 268 -18.22 8.38 -14.27
N CYS A 268 -17.09 8.65 -15.40
CA CYS A 268 -18.19 9.76 -13.77
CA CYS A 268 -17.05 10.02 -14.92
C CYS A 268 -18.52 10.74 -14.89
C CYS A 268 -17.31 10.99 -16.06
N ASP A 269 -18.97 11.94 -14.55
N ASP A 269 -17.64 12.22 -15.72
CA ASP A 269 -19.28 12.90 -15.60
CA ASP A 269 -17.94 13.24 -16.72
C ASP A 269 -18.02 13.65 -16.08
C ASP A 269 -16.63 13.86 -17.26
N ALA A 270 -17.93 13.83 -17.38
N ALA A 270 -16.53 13.94 -18.58
CA ALA A 270 -16.74 14.37 -18.00
CA ALA A 270 -15.31 14.46 -19.19
C ALA A 270 -16.37 15.73 -17.44
C ALA A 270 -14.97 15.83 -18.62
N GLY A 271 -17.37 16.56 -17.19
N GLY A 271 -15.99 16.68 -18.46
CA GLY A 271 -17.13 17.92 -16.70
CA GLY A 271 -15.76 18.02 -17.97
C GLY A 271 -16.54 17.91 -15.30
C GLY A 271 -15.18 18.02 -16.58
N GLU A 272 -16.95 16.94 -14.51
N GLU A 272 -15.65 17.09 -15.75
CA GLU A 272 -16.39 16.79 -13.17
CA GLU A 272 -15.18 16.96 -14.38
C GLU A 272 -14.96 16.31 -13.18
C GLU A 272 -13.73 16.51 -14.34
N ILE A 273 -14.66 15.38 -14.09
N ILE A 273 -13.39 15.57 -15.21
CA ILE A 273 -13.30 14.90 -14.22
CA ILE A 273 -12.03 15.06 -15.25
C ILE A 273 -12.42 16.08 -14.66
C ILE A 273 -11.13 16.21 -15.67
N ARG A 274 -12.94 16.89 -15.57
N ARG A 274 -11.58 16.99 -16.64
CA ARG A 274 -12.19 18.05 -16.00
CA ARG A 274 -10.76 18.10 -17.10
C ARG A 274 -11.95 19.02 -14.83
C ARG A 274 -10.55 19.12 -15.99
N LYS A 275 -12.99 19.32 -14.05
N LYS A 275 -11.60 19.38 -15.21
CA LYS A 275 -12.83 20.19 -12.90
CA LYS A 275 -11.51 20.31 -14.09
C LYS A 275 -11.75 19.68 -11.95
C LYS A 275 -10.49 19.83 -13.08
N ALA A 276 -11.82 18.39 -11.64
N ALA A 276 -10.54 18.52 -12.79
CA ALA A 276 -10.79 17.71 -10.85
CA ALA A 276 -9.59 17.91 -11.88
C ALA A 276 -9.38 17.94 -11.39
C ALA A 276 -8.16 18.09 -12.37
N ALA A 277 -9.19 17.71 -12.68
N ALA A 277 -7.93 17.80 -13.65
CA ALA A 277 -7.88 17.85 -13.30
CA ALA A 277 -6.61 17.94 -14.24
C ALA A 277 -7.42 19.28 -13.14
C ALA A 277 -6.10 19.37 -14.13
N VAL A 278 -8.31 20.22 -13.43
N VAL A 278 -7.00 20.31 -14.45
CA VAL A 278 -7.95 21.63 -13.38
CA VAL A 278 -6.63 21.71 -14.43
C VAL A 278 -7.58 22.04 -11.94
C VAL A 278 -6.28 22.15 -13.01
N MET A 279 -8.42 21.64 -10.99
N MET A 279 -7.15 21.79 -12.07
CA MET A 279 -8.18 21.94 -9.59
CA MET A 279 -6.92 22.09 -10.66
C MET A 279 -6.83 21.38 -9.14
C MET A 279 -5.59 21.51 -10.19
N PHE A 280 -6.56 20.14 -9.51
N PHE A 280 -5.34 20.25 -10.53
CA PHE A 280 -5.32 19.49 -9.10
CA PHE A 280 -4.13 19.62 -10.07
C PHE A 280 -4.09 20.23 -9.61
C PHE A 280 -2.88 20.36 -10.57
N ALA A 281 -4.12 20.66 -10.87
N ALA A 281 -2.89 20.79 -11.83
CA ALA A 281 -2.95 21.31 -11.47
CA ALA A 281 -1.70 21.42 -12.41
C ALA A 281 -2.78 22.77 -11.02
C ALA A 281 -1.54 22.90 -12.05
N THR A 282 -3.89 23.46 -10.74
N THR A 282 -2.65 23.56 -11.75
CA THR A 282 -3.80 24.89 -10.46
CA THR A 282 -2.64 25.00 -11.47
C THR A 282 -3.72 25.22 -8.97
C THR A 282 -2.64 25.34 -9.97
N GLU A 283 -4.28 24.35 -8.11
N GLU A 283 -3.17 24.45 -9.13
CA GLU A 283 -4.29 24.57 -6.65
CA GLU A 283 -3.21 24.75 -7.69
C GLU A 283 -3.05 23.99 -5.98
C GLU A 283 -1.98 24.18 -6.98
N SER A 284 -1.89 24.44 -6.45
N SER A 284 -0.79 24.59 -7.42
CA SER A 284 -0.62 23.96 -5.95
CA SER A 284 0.46 24.08 -6.85
C SER A 284 -0.26 24.55 -4.58
C SER A 284 0.78 24.68 -5.47
N PRO A 285 0.57 23.84 -3.81
N PRO A 285 1.59 23.95 -4.68
CA PRO A 285 1.10 22.49 -4.09
CA PRO A 285 2.09 22.60 -4.96
C PRO A 285 0.00 21.43 -3.99
C PRO A 285 1.00 21.54 -4.87
N ALA A 286 -0.05 20.52 -4.95
N ALA A 286 1.01 20.58 -5.78
CA ALA A 286 -1.09 19.50 -4.99
CA ALA A 286 -0.01 19.54 -5.80
C ALA A 286 -0.47 18.12 -4.78
C ALA A 286 0.60 18.16 -5.53
N SER A 287 -1.04 17.32 -3.88
N SER A 287 -0.01 17.42 -4.61
CA SER A 287 -0.47 16.00 -3.62
CA SER A 287 0.46 16.07 -4.28
C SER A 287 -1.51 14.89 -3.77
C SER A 287 -0.61 15.00 -4.42
N ILE A 288 -1.03 13.66 -3.91
N ILE A 288 -0.17 13.76 -4.54
CA ILE A 288 -1.88 12.48 -3.94
CA ILE A 288 -1.04 12.59 -4.54
C ILE A 288 -1.34 11.56 -2.86
C ILE A 288 -0.54 11.68 -3.42
N PRO A 289 -1.89 11.68 -1.63
N PRO A 289 -1.12 11.85 -2.23
CA PRO A 289 -1.44 10.80 -0.55
CA PRO A 289 -0.74 10.97 -1.12
C PRO A 289 -1.46 9.34 -0.98
C PRO A 289 -0.81 9.51 -1.52
N TRP A 290 -0.45 8.58 -0.55
N TRP A 290 0.13 8.72 -1.03
CA TRP A 290 -0.47 7.16 -0.85
CA TRP A 290 0.10 7.29 -1.32
C TRP A 290 -1.82 6.57 -0.41
C TRP A 290 -1.27 6.71 -0.94
N ALA A 291 -2.33 5.65 -1.23
N ALA A 291 -1.78 5.81 -1.77
CA ALA A 291 -3.60 4.96 -0.98
CA ALA A 291 -3.06 5.15 -1.49
C ALA A 291 -3.50 3.50 -1.39
C ALA A 291 -3.01 3.67 -1.84
N VAL A 292 -4.13 2.63 -0.60
N VAL A 292 -3.67 2.82 -1.06
CA VAL A 292 -4.07 1.20 -0.85
CA VAL A 292 -3.56 1.39 -1.30
C VAL A 292 -4.85 0.75 -2.09
C VAL A 292 -4.31 0.90 -2.54
N SER A 293 -5.93 1.45 -2.43
N SER A 293 -5.38 1.60 -2.93
CA SER A 293 -6.81 0.87 -3.44
CA SER A 293 -6.22 1.05 -4.00
C SER A 293 -6.07 0.54 -4.73
C SER A 293 -5.44 0.70 -5.26
N THR A 294 -5.12 1.41 -5.11
N THR A 294 -4.51 1.57 -5.64
CA THR A 294 -4.44 1.26 -6.38
CA THR A 294 -3.77 1.35 -6.88
C THR A 294 -3.26 0.30 -6.30
C THR A 294 -2.62 0.36 -6.68
N ASP A 295 -3.02 -0.28 -5.11
N ASP A 295 -2.56 -0.23 -5.47
CA ASP A 295 -2.06 -1.38 -4.96
CA ASP A 295 -1.62 -1.34 -5.20
C ASP A 295 -2.77 -2.72 -5.13
C ASP A 295 -2.31 -2.70 -5.33
N MET A 296 -4.06 -2.69 -5.47
N MET A 296 -3.60 -2.71 -5.69
CA MET A 296 -4.89 -3.89 -5.36
CA MET A 296 -4.37 -3.95 -5.68
C MET A 296 -5.84 -4.07 -6.53
C MET A 296 -5.31 -4.02 -6.89
N GLN A 297 -5.41 -3.62 -7.71
N GLN A 297 -4.80 -3.62 -8.05
CA GLN A 297 -6.24 -3.68 -8.89
CA GLN A 297 -5.57 -3.60 -9.30
C GLN A 297 -5.51 -4.35 -10.06
C GLN A 297 -4.84 -4.34 -10.41
N LYS A 298 -6.28 -4.89 -10.99
N LYS A 298 -5.61 -4.85 -11.37
CA LYS A 298 -5.74 -5.45 -12.21
CA LYS A 298 -5.07 -5.46 -12.56
C LYS A 298 -4.94 -4.38 -12.96
C LYS A 298 -4.20 -4.46 -13.33
N ASN A 299 -5.38 -3.13 -12.85
N ASN A 299 -4.57 -3.18 -13.25
CA ASN A 299 -4.67 -1.98 -13.43
CA ASN A 299 -3.81 -2.09 -13.89
C ASN A 299 -3.85 -1.18 -12.42
C ASN A 299 -3.02 -1.26 -12.86
N SER A 300 -3.41 -1.83 -11.36
N SER A 300 -2.74 -1.87 -11.71
CA SER A 300 -2.62 -1.18 -10.32
CA SER A 300 -1.94 -1.20 -10.69
C SER A 300 -1.40 -0.48 -10.88
C SER A 300 -0.67 -0.54 -11.22
N CYS A 301 -0.62 -1.19 -11.70
N CYS A 301 0.10 -1.27 -12.01
CA CYS A 301 0.61 -0.60 -12.22
CA CYS A 301 1.37 -0.72 -12.49
C CYS A 301 0.36 0.75 -12.86
C CYS A 301 1.19 0.62 -13.19
N SER A 302 -0.62 0.78 -13.76
N SER A 302 0.29 0.65 -14.16
CA SER A 302 -0.91 2.03 -14.47
CA SER A 302 0.08 1.86 -14.92
C SER A 302 -1.48 3.11 -13.58
C SER A 302 -0.52 2.97 -14.05
N ALA A 303 -2.30 2.71 -12.62
N ALA A 303 -1.39 2.59 -13.12
CA ALA A 303 -2.88 3.66 -11.69
CA ALA A 303 -2.00 3.56 -12.21
C ALA A 303 -1.80 4.32 -10.84
C ALA A 303 -0.91 4.25 -11.38
N ILE A 304 -0.82 3.52 -10.41
N ILE A 304 -0.02 3.45 -10.82
CA ILE A 304 0.30 4.06 -9.64
CA ILE A 304 1.03 4.04 -10.00
C ILE A 304 1.20 4.92 -10.51
C ILE A 304 1.99 4.83 -10.89
N ARG A 305 1.57 4.39 -11.68
N ARG A 305 2.33 4.28 -12.04
CA ARG A 305 2.35 5.16 -12.64
CA ARG A 305 3.22 4.99 -12.95
C ARG A 305 1.66 6.50 -12.92
C ARG A 305 2.65 6.36 -13.36
N ALA A 306 0.34 6.47 -13.14
N ALA A 306 1.35 6.41 -13.65
CA ALA A 306 -0.39 7.70 -13.49
CA ALA A 306 0.68 7.66 -14.04
C ALA A 306 -0.31 8.72 -12.35
C ALA A 306 0.75 8.67 -12.90
N GLN A 307 -0.41 8.25 -11.11
N GLN A 307 0.61 8.19 -11.65
CA GLN A 307 -0.31 9.15 -9.97
CA GLN A 307 0.67 9.07 -10.50
C GLN A 307 1.07 9.79 -9.91
C GLN A 307 2.05 9.70 -10.39
N CYS A 308 2.10 8.96 -10.08
N CYS A 308 3.08 8.88 -10.60
CA CYS A 308 3.48 9.47 -10.10
CA CYS A 308 4.45 9.37 -10.54
C CYS A 308 3.63 10.52 -11.18
C CYS A 308 4.70 10.39 -11.64
N ILE A 309 3.10 10.22 -12.37
N ILE A 309 4.18 10.09 -12.84
CA ILE A 309 3.21 11.12 -13.52
CA ILE A 309 4.32 10.96 -14.00
C ILE A 309 2.48 12.44 -13.25
C ILE A 309 3.61 12.29 -13.78
N LEU A 310 1.29 12.35 -12.68
N LEU A 310 2.39 12.22 -13.23
CA LEU A 310 0.55 13.55 -12.32
CA LEU A 310 1.63 13.44 -12.98
C LEU A 310 1.33 14.44 -11.37
C LEU A 310 2.40 14.35 -12.03
N ARG A 311 1.86 13.86 -10.30
N ARG A 311 2.92 13.76 -10.96
CA ARG A 311 2.61 14.65 -9.33
CA ARG A 311 3.70 14.52 -10.01
C ARG A 311 3.80 15.29 -10.06
C ARG A 311 4.91 15.16 -10.69
N ALA A 312 4.49 14.51 -10.90
N ALA A 312 5.64 14.37 -11.46
CA ALA A 312 5.69 15.02 -11.58
CA ALA A 312 6.84 14.83 -12.13
C ALA A 312 5.36 16.21 -12.46
C ALA A 312 6.53 16.01 -13.03
N ILE A 313 4.39 16.02 -13.35
N ILE A 313 5.53 15.86 -13.90
CA ILE A 313 4.16 17.05 -14.37
CA ILE A 313 5.35 16.88 -14.93
C ILE A 313 3.58 18.37 -13.91
C ILE A 313 4.77 18.22 -14.45
N VAL A 314 2.85 18.36 -12.80
N VAL A 314 4.05 18.21 -13.33
CA VAL A 314 2.29 19.62 -12.27
CA VAL A 314 3.52 19.47 -12.80
C VAL A 314 3.30 20.37 -11.40
C VAL A 314 4.53 20.20 -11.90
N GLY A 315 4.43 19.74 -11.10
N GLY A 315 5.68 19.57 -11.66
CA GLY A 315 5.48 20.39 -10.31
CA GLY A 315 6.73 20.18 -10.86
C GLY A 315 5.50 20.01 -8.83
C GLY A 315 6.69 19.83 -9.39
N SER A 316 4.85 18.91 -8.47
N SER A 316 5.94 18.78 -9.03
CA SER A 316 4.70 18.57 -7.06
CA SER A 316 5.75 18.45 -7.63
C SER A 316 6.00 18.16 -6.38
C SER A 316 7.05 18.05 -6.91
N PHE A 317 6.98 17.71 -7.18
N PHE A 317 8.04 17.60 -7.67
CA PHE A 317 8.28 17.35 -6.63
CA PHE A 317 9.30 17.20 -7.05
C PHE A 317 9.17 18.57 -6.43
C PHE A 317 10.25 18.37 -6.80
N VAL A 318 8.73 19.75 -6.89
N VAL A 318 9.87 19.56 -7.24
CA VAL A 318 9.52 20.96 -6.67
CA VAL A 318 10.72 20.73 -7.02
C VAL A 318 8.82 22.09 -5.90
C VAL A 318 10.00 21.87 -6.28
N ASN A 319 7.58 21.87 -5.46
N ASN A 319 8.69 21.74 -6.06
CA ASN A 319 6.86 22.93 -4.75
CA ASN A 319 7.92 22.78 -5.37
C ASN A 319 6.47 22.56 -3.32
C ASN A 319 7.46 22.43 -3.95
N GLY A 320 6.99 21.43 -2.83
N GLY A 320 7.84 21.26 -3.45
CA GLY A 320 6.74 21.01 -1.46
CA GLY A 320 7.54 20.89 -2.05
C GLY A 320 5.64 19.98 -1.33
C GLY A 320 6.36 19.97 -1.82
N ALA A 321 4.95 19.71 -2.44
N ALA A 321 5.56 19.72 -2.86
CA ALA A 321 3.89 18.72 -2.42
CA ALA A 321 4.30 18.96 -2.69
C ALA A 321 4.40 17.28 -2.25
C ALA A 321 4.51 17.49 -2.29
N GLU A 322 5.48 16.90 -2.95
CA GLU A 322 5.90 15.49 -2.86
C GLU A 322 7.39 15.46 -2.63
N ILE A 323 7.80 14.70 -1.62
CA ILE A 323 9.18 14.61 -1.20
C ILE A 323 9.72 13.21 -1.54
N LEU A 324 10.91 13.13 -2.12
CA LEU A 324 11.52 11.84 -2.49
C LEU A 324 12.40 11.39 -1.32
N GLY A 325 12.10 10.22 -0.74
CA GLY A 325 12.79 9.77 0.48
C GLY A 325 14.19 9.24 0.24
N ALA A 326 14.81 8.78 1.31
CA ALA A 326 16.20 8.36 1.29
C ALA A 326 16.43 7.58 2.56
N PRO A 327 17.52 6.79 2.61
CA PRO A 327 17.99 6.31 3.92
C PRO A 327 18.20 7.50 4.86
N HIS A 328 17.86 7.36 6.13
CA HIS A 328 17.91 8.53 7.02
C HIS A 328 19.35 9.02 7.12
N SER A 329 19.56 10.33 6.94
CA SER A 329 20.89 10.89 6.90
C SER A 329 21.68 10.75 8.18
N ASP A 330 21.00 10.55 9.32
CA ASP A 330 21.66 10.55 10.63
C ASP A 330 22.05 9.12 11.07
N LEU A 331 21.59 8.09 10.36
CA LEU A 331 21.59 6.70 10.86
C LEU A 331 22.34 5.75 9.94
N VAL A 332 22.79 4.62 10.48
CA VAL A 332 23.34 3.57 9.61
C VAL A 332 22.19 2.98 8.81
N PRO A 333 22.27 3.04 7.47
CA PRO A 333 21.11 2.54 6.68
C PRO A 333 20.75 1.08 6.98
N ILE A 334 19.45 0.83 7.10
CA ILE A 334 18.95 -0.54 7.21
C ILE A 334 19.46 -1.35 6.00
N SER A 335 19.48 -0.71 4.81
CA SER A 335 19.92 -1.39 3.62
C SER A 335 21.33 -1.93 3.75
N LYS A 336 22.19 -1.19 4.45
CA LYS A 336 23.59 -1.62 4.59
CA LYS A 336 23.59 -1.63 4.60
C LYS A 336 23.69 -2.77 5.59
N ILE A 337 22.89 -2.68 6.68
CA ILE A 337 22.83 -3.77 7.68
C ILE A 337 22.35 -5.07 7.03
N GLN A 338 21.44 -4.95 6.07
CA GLN A 338 20.88 -6.13 5.38
C GLN A 338 21.89 -6.93 4.53
N MET A 339 23.01 -6.31 4.11
CA MET A 339 24.10 -7.04 3.42
C MET A 339 23.59 -7.78 2.22
N HIS A 340 22.77 -7.11 1.40
CA HIS A 340 22.39 -7.67 0.09
C HIS A 340 23.57 -8.02 -0.81
N GLU A 341 24.66 -7.30 -0.67
CA GLU A 341 25.77 -7.63 -1.55
CA GLU A 341 25.88 -7.57 -1.43
C GLU A 341 26.34 -9.00 -1.24
N ALA A 342 26.22 -9.47 0.00
CA ALA A 342 26.72 -10.76 0.40
C ALA A 342 26.00 -11.94 -0.23
N LEU A 343 24.73 -11.76 -0.60
CA LEU A 343 23.99 -12.87 -1.22
C LEU A 343 24.52 -13.10 -2.64
N PRO A 344 25.04 -14.32 -2.93
CA PRO A 344 25.61 -14.54 -4.26
C PRO A 344 24.64 -14.30 -5.40
N GLU A 345 25.16 -13.88 -6.55
CA GLU A 345 24.31 -13.57 -7.70
C GLU A 345 23.48 -14.79 -8.08
N GLU A 346 24.07 -15.97 -7.99
CA GLU A 346 23.35 -17.21 -8.30
C GLU A 346 22.10 -17.37 -7.45
N LYS A 347 22.23 -17.04 -6.16
CA LYS A 347 21.07 -17.10 -5.26
C LYS A 347 20.05 -15.97 -5.54
N LYS A 348 20.54 -14.76 -5.85
CA LYS A 348 19.62 -13.69 -6.25
C LYS A 348 18.77 -14.12 -7.43
N LYS A 349 19.44 -14.73 -8.42
CA LYS A 349 18.73 -15.16 -9.62
C LYS A 349 17.62 -16.19 -9.36
N LEU A 350 17.75 -16.95 -8.27
CA LEU A 350 16.78 -18.01 -7.96
C LEU A 350 15.53 -17.45 -7.31
N GLN A 351 15.57 -16.20 -6.87
CA GLN A 351 14.46 -15.63 -6.12
C GLN A 351 13.15 -15.98 -6.77
N LEU A 352 12.19 -16.52 -6.01
CA LEU A 352 10.98 -16.97 -6.65
C LEU A 352 10.17 -15.81 -7.15
N GLY A 353 9.70 -15.91 -8.40
CA GLY A 353 9.15 -14.76 -9.11
C GLY A 353 10.04 -14.29 -10.25
N THR A 354 11.33 -14.62 -10.17
CA THR A 354 12.23 -14.19 -11.25
C THR A 354 11.75 -14.72 -12.60
N GLU A 355 11.17 -15.91 -12.62
CA GLU A 355 10.74 -16.55 -13.86
C GLU A 355 9.30 -16.24 -14.25
N THR A 356 8.57 -15.48 -13.42
CA THR A 356 7.17 -15.20 -13.68
C THR A 356 6.87 -13.71 -13.66
N TYR A 357 7.19 -13.06 -12.55
CA TYR A 357 7.02 -11.63 -12.37
C TYR A 357 8.30 -11.03 -11.77
N PRO A 358 9.33 -10.92 -12.60
CA PRO A 358 10.64 -10.50 -12.09
C PRO A 358 10.75 -9.06 -11.58
N PHE A 359 9.82 -8.18 -11.96
CA PHE A 359 9.95 -6.75 -11.63
C PHE A 359 10.47 -6.48 -10.19
N LEU A 360 9.78 -7.02 -9.18
CA LEU A 360 10.09 -6.67 -7.80
C LEU A 360 11.21 -7.50 -7.16
N THR A 361 11.76 -8.44 -7.93
CA THR A 361 12.90 -9.23 -7.51
C THR A 361 14.20 -8.46 -7.62
N TYR A 362 15.26 -9.02 -7.04
CA TYR A 362 16.61 -8.47 -7.30
C TYR A 362 16.85 -8.26 -8.79
N THR A 363 16.45 -9.23 -9.61
CA THR A 363 16.75 -9.13 -11.05
C THR A 363 15.99 -7.96 -11.67
N GLY A 364 14.70 -7.85 -11.38
CA GLY A 364 13.91 -6.77 -11.95
C GLY A 364 14.34 -5.38 -11.53
N MET A 365 14.86 -5.26 -10.31
CA MET A 365 15.27 -3.98 -9.76
C MET A 365 16.74 -3.65 -10.11
N SER A 366 17.42 -4.56 -10.80
CA SER A 366 18.88 -4.45 -10.90
C SER A 366 19.34 -3.21 -11.68
N ALA A 367 18.54 -2.73 -12.61
CA ALA A 367 18.92 -1.50 -13.34
C ALA A 367 18.98 -0.28 -12.41
N LEU A 368 18.45 -0.40 -11.20
CA LEU A 368 18.50 0.71 -10.24
C LEU A 368 19.71 0.68 -9.29
N GLU A 369 20.52 -0.37 -9.39
CA GLU A 369 21.68 -0.53 -8.49
C GLU A 369 22.69 0.62 -8.60
N GLU A 370 23.22 0.82 -9.79
CA GLU A 370 24.21 1.87 -9.99
C GLU A 370 23.65 3.27 -9.70
N PRO A 371 22.44 3.57 -10.20
CA PRO A 371 21.78 4.84 -9.87
C PRO A 371 21.59 5.07 -8.37
N SER A 372 21.18 4.02 -7.66
CA SER A 372 21.04 4.10 -6.19
C SER A 372 22.39 4.33 -5.48
N GLU A 373 23.45 3.66 -5.92
CA GLU A 373 24.79 3.89 -5.36
CA GLU A 373 24.74 3.90 -5.29
C GLU A 373 25.17 5.35 -5.58
N ARG A 374 24.82 5.84 -6.77
CA ARG A 374 25.23 7.20 -7.16
C ARG A 374 24.55 8.26 -6.30
N VAL A 375 23.23 8.11 -6.12
CA VAL A 375 22.42 9.14 -5.50
C VAL A 375 22.34 8.97 -3.98
N TYR A 376 22.21 7.73 -3.52
CA TYR A 376 21.99 7.45 -2.10
C TYR A 376 23.19 6.83 -1.38
N GLY A 377 24.21 6.42 -2.14
CA GLY A 377 25.36 5.77 -1.55
C GLY A 377 25.06 4.35 -1.08
N VAL A 378 23.95 3.81 -1.58
CA VAL A 378 23.50 2.47 -1.21
C VAL A 378 23.11 1.76 -2.49
N LYS A 379 23.88 0.75 -2.87
CA LYS A 379 23.65 0.01 -4.11
C LYS A 379 22.32 -0.70 -4.09
N TYR A 380 22.03 -1.37 -2.97
CA TYR A 380 20.77 -2.08 -2.78
C TYR A 380 19.91 -1.28 -1.81
N PHE A 381 19.12 -0.34 -2.33
CA PHE A 381 18.35 0.59 -1.54
C PHE A 381 17.06 -0.13 -1.26
N HIS A 382 16.92 -0.61 -0.03
CA HIS A 382 15.74 -1.36 0.42
C HIS A 382 14.68 -0.32 0.75
N ASN A 383 14.04 0.22 -0.30
CA ASN A 383 13.08 1.29 -0.13
C ASN A 383 11.70 0.76 0.25
N MET A 384 11.36 0.96 1.53
CA MET A 384 10.11 0.49 2.18
C MET A 384 10.14 -1.03 2.35
N GLY A 385 9.97 -1.76 1.25
CA GLY A 385 10.10 -3.24 1.25
C GLY A 385 10.58 -3.56 -0.14
N ALA A 386 11.66 -4.34 -0.29
CA ALA A 386 12.28 -4.50 -1.60
C ALA A 386 12.98 -5.80 -1.75
N PHE A 387 13.20 -6.14 -3.00
CA PHE A 387 13.95 -7.35 -3.42
C PHE A 387 13.16 -8.54 -2.90
N MET A 388 11.99 -8.72 -3.49
CA MET A 388 11.00 -9.61 -2.91
C MET A 388 10.64 -10.76 -3.81
N ALA A 389 10.42 -11.91 -3.17
CA ALA A 389 9.82 -13.03 -3.85
C ALA A 389 8.36 -12.73 -4.13
N ASN A 390 7.87 -13.19 -5.27
CA ASN A 390 6.48 -13.04 -5.63
C ASN A 390 5.68 -14.03 -4.75
N PRO A 391 4.64 -13.57 -4.04
CA PRO A 391 3.92 -14.53 -3.15
C PRO A 391 3.32 -15.73 -3.86
N THR A 392 2.71 -15.54 -5.03
CA THR A 392 2.16 -16.67 -5.74
C THR A 392 3.27 -17.67 -6.10
N ALA A 393 4.42 -17.17 -6.56
CA ALA A 393 5.54 -18.08 -6.84
C ALA A 393 5.99 -18.79 -5.57
N LEU A 394 6.04 -18.05 -4.46
CA LEU A 394 6.51 -18.65 -3.22
C LEU A 394 5.57 -19.77 -2.74
N PHE A 395 4.27 -19.47 -2.64
CA PHE A 395 3.34 -20.49 -2.17
C PHE A 395 3.24 -21.63 -3.16
N THR A 396 3.39 -21.33 -4.44
CA THR A 396 3.37 -22.41 -5.44
C THR A 396 4.59 -23.32 -5.29
N ALA A 397 5.75 -22.75 -4.98
CA ALA A 397 6.93 -23.60 -4.79
C ALA A 397 6.75 -24.42 -3.53
N MET A 398 6.22 -23.79 -2.50
CA MET A 398 5.89 -24.52 -1.27
C MET A 398 4.96 -25.71 -1.53
N ALA A 399 3.92 -25.48 -2.33
CA ALA A 399 2.87 -26.46 -2.59
C ALA A 399 3.28 -27.56 -3.57
N THR A 400 3.99 -27.16 -4.64
CA THR A 400 4.24 -28.08 -5.77
C THR A 400 5.69 -28.53 -5.90
N GLU A 401 6.59 -27.87 -5.18
CA GLU A 401 8.04 -28.10 -5.28
C GLU A 401 8.61 -27.60 -6.60
N LYS A 402 7.86 -26.78 -7.37
CA LYS A 402 8.35 -26.21 -8.64
C LYS A 402 8.33 -24.69 -8.54
N PRO A 403 9.37 -24.03 -9.11
CA PRO A 403 10.50 -24.63 -9.87
C PRO A 403 11.47 -25.40 -8.98
N TYR A 404 11.40 -25.18 -7.66
CA TYR A 404 12.20 -25.95 -6.74
C TYR A 404 11.53 -25.92 -5.38
N PRO A 405 11.91 -26.88 -4.52
CA PRO A 405 11.21 -26.92 -3.23
C PRO A 405 11.54 -25.81 -2.26
N VAL A 406 10.49 -25.32 -1.59
CA VAL A 406 10.63 -24.50 -0.39
C VAL A 406 10.03 -25.34 0.74
N LYS A 407 10.81 -25.57 1.79
CA LYS A 407 10.48 -26.56 2.81
C LYS A 407 10.59 -26.04 4.22
N ALA A 408 11.14 -24.84 4.41
CA ALA A 408 11.08 -24.15 5.70
C ALA A 408 10.39 -22.81 5.51
N PHE A 409 9.55 -22.41 6.45
CA PHE A 409 8.78 -21.18 6.32
C PHE A 409 8.67 -20.48 7.66
N PHE A 410 9.09 -19.21 7.70
CA PHE A 410 8.99 -18.39 8.91
C PHE A 410 7.98 -17.29 8.67
N ALA A 411 7.04 -17.14 9.61
CA ALA A 411 6.06 -16.06 9.60
C ALA A 411 6.39 -15.13 10.75
N LEU A 412 6.78 -13.89 10.46
CA LEU A 412 7.21 -12.92 11.48
C LEU A 412 6.24 -11.78 11.49
N ALA A 413 5.39 -11.75 12.53
CA ALA A 413 4.28 -10.80 12.65
C ALA A 413 3.47 -10.77 11.35
N SER A 414 3.15 -11.96 10.85
CA SER A 414 2.45 -12.10 9.58
C SER A 414 1.55 -13.32 9.62
N ASN A 415 0.24 -13.06 9.53
CA ASN A 415 -0.73 -14.15 9.45
C ASN A 415 -0.83 -14.54 7.98
N ALA A 416 0.28 -15.13 7.51
CA ALA A 416 0.52 -15.38 6.09
C ALA A 416 -0.55 -16.20 5.39
N LEU A 417 -1.15 -17.17 6.07
CA LEU A 417 -2.23 -17.92 5.47
C LEU A 417 -3.28 -16.99 4.86
N MET A 418 -3.56 -15.89 5.56
CA MET A 418 -4.68 -15.01 5.24
C MET A 418 -4.26 -13.70 4.61
N GLY A 419 -2.96 -13.54 4.34
CA GLY A 419 -2.39 -12.22 4.07
C GLY A 419 -2.10 -11.96 2.61
N TYR A 420 -2.49 -12.88 1.73
CA TYR A 420 -2.20 -12.75 0.30
C TYR A 420 -3.50 -13.05 -0.48
N ALA A 421 -3.40 -13.73 -1.62
CA ALA A 421 -4.57 -14.23 -2.33
C ALA A 421 -4.61 -15.76 -2.18
N ASN A 422 -5.52 -16.41 -2.92
CA ASN A 422 -5.52 -17.86 -3.08
C ASN A 422 -5.15 -18.58 -1.77
N GLN A 423 -5.98 -18.38 -0.76
CA GLN A 423 -5.73 -18.91 0.56
C GLN A 423 -5.64 -20.43 0.55
N GLN A 424 -6.39 -21.08 -0.33
CA GLN A 424 -6.32 -22.54 -0.40
C GLN A 424 -4.89 -22.98 -0.78
N ASN A 425 -4.23 -22.26 -1.66
CA ASN A 425 -2.90 -22.63 -2.09
C ASN A 425 -1.89 -22.30 -0.99
N ALA A 426 -2.13 -21.23 -0.25
CA ALA A 426 -1.23 -20.92 0.85
C ALA A 426 -1.32 -22.04 1.88
N LEU A 427 -2.54 -22.56 2.14
CA LEU A 427 -2.71 -23.69 3.04
C LEU A 427 -1.95 -24.91 2.48
N LYS A 428 -2.11 -25.20 1.19
CA LYS A 428 -1.42 -26.34 0.61
C LYS A 428 0.11 -26.18 0.76
N GLY A 429 0.59 -24.96 0.51
CA GLY A 429 2.02 -24.66 0.64
C GLY A 429 2.51 -24.93 2.05
N LEU A 430 1.79 -24.39 3.05
CA LEU A 430 2.13 -24.62 4.46
C LEU A 430 2.08 -26.11 4.83
N MET A 431 1.08 -26.83 4.35
CA MET A 431 0.97 -28.26 4.65
C MET A 431 2.09 -29.10 4.01
N ASN A 432 2.82 -28.54 3.04
CA ASN A 432 3.94 -29.28 2.43
C ASN A 432 5.30 -28.90 3.01
N GLN A 433 5.30 -28.10 4.08
CA GLN A 433 6.55 -27.68 4.75
C GLN A 433 7.08 -28.73 5.69
N ASP A 434 8.41 -28.78 5.79
CA ASP A 434 9.07 -29.61 6.81
C ASP A 434 9.27 -28.84 8.12
N LEU A 435 9.32 -27.51 8.05
CA LEU A 435 9.48 -26.66 9.23
C LEU A 435 8.72 -25.37 9.05
N VAL A 436 7.84 -25.05 10.00
CA VAL A 436 7.16 -23.76 10.02
C VAL A 436 7.35 -23.15 11.39
N VAL A 437 7.81 -21.91 11.44
CA VAL A 437 7.97 -21.17 12.69
C VAL A 437 7.13 -19.92 12.60
N CYS A 438 6.29 -19.67 13.60
CA CYS A 438 5.42 -18.49 13.63
C CYS A 438 5.76 -17.64 14.83
N TYR A 439 6.21 -16.42 14.62
CA TYR A 439 6.60 -15.50 15.69
C TYR A 439 5.48 -14.46 15.78
N ASP A 440 4.66 -14.56 16.84
CA ASP A 440 3.41 -13.82 16.86
C ASP A 440 3.02 -13.56 18.30
N GLN A 441 1.86 -12.95 18.46
CA GLN A 441 1.28 -12.69 19.80
C GLN A 441 0.15 -13.64 20.14
N PHE A 442 -0.43 -14.30 19.12
CA PHE A 442 -1.59 -15.17 19.33
C PHE A 442 -1.48 -16.44 18.50
N MET A 443 -2.30 -17.43 18.85
CA MET A 443 -2.42 -18.65 18.07
CA MET A 443 -2.42 -18.65 18.05
C MET A 443 -3.28 -18.36 16.83
N THR A 444 -2.70 -17.64 15.88
CA THR A 444 -3.38 -17.26 14.66
C THR A 444 -3.59 -18.48 13.77
N PRO A 445 -4.42 -18.35 12.73
CA PRO A 445 -4.58 -19.45 11.81
C PRO A 445 -3.24 -19.94 11.23
N THR A 446 -2.32 -19.02 10.96
CA THR A 446 -0.97 -19.39 10.52
C THR A 446 -0.19 -20.12 11.63
N ALA A 447 -0.24 -19.60 12.85
CA ALA A 447 0.46 -20.22 13.97
C ALA A 447 -0.06 -21.65 14.20
N GLN A 448 -1.34 -21.85 13.90
CA GLN A 448 -1.95 -23.17 14.09
C GLN A 448 -1.32 -24.25 13.23
N LEU A 449 -0.67 -23.79 12.16
CA LEU A 449 0.01 -24.63 11.17
C LEU A 449 1.51 -24.76 11.43
N ALA A 450 1.97 -24.22 12.55
CA ALA A 450 3.39 -24.18 12.82
C ALA A 450 3.91 -25.41 13.54
N ASP A 451 5.22 -25.64 13.44
CA ASP A 451 5.94 -26.58 14.34
C ASP A 451 6.25 -25.89 15.67
N TYR A 452 6.52 -24.59 15.62
CA TYR A 452 6.88 -23.79 16.79
C TYR A 452 6.22 -22.44 16.71
N VAL A 453 5.60 -22.04 17.82
CA VAL A 453 5.03 -20.71 17.91
C VAL A 453 5.86 -19.98 18.96
N LEU A 454 6.42 -18.83 18.57
CA LEU A 454 7.34 -18.10 19.41
C LEU A 454 6.73 -16.78 19.81
N PRO A 455 6.74 -16.46 21.12
CA PRO A 455 6.07 -15.25 21.59
C PRO A 455 6.79 -13.95 21.34
N GLY A 456 6.10 -13.06 20.61
CA GLY A 456 6.66 -11.75 20.36
C GLY A 456 6.30 -10.69 21.40
N ASP A 457 7.19 -9.75 21.65
CA ASP A 457 6.85 -8.59 22.46
C ASP A 457 5.78 -7.74 21.78
N HIS A 458 5.28 -6.75 22.52
CA HIS A 458 4.22 -5.87 22.10
C HIS A 458 4.76 -4.43 22.08
N TRP A 459 4.11 -3.56 21.32
CA TRP A 459 4.60 -2.19 21.20
C TRP A 459 4.67 -1.38 22.51
N LEU A 460 3.93 -1.79 23.54
CA LEU A 460 4.00 -1.13 24.85
C LEU A 460 5.17 -1.69 25.68
N GLU A 461 5.94 -2.62 25.08
CA GLU A 461 6.99 -3.33 25.79
C GLU A 461 8.37 -3.16 25.17
N ARG A 462 8.53 -2.16 24.29
CA ARG A 462 9.78 -2.05 23.56
C ARG A 462 10.15 -0.62 23.17
N PRO A 463 11.45 -0.33 23.15
CA PRO A 463 11.88 0.93 22.54
C PRO A 463 11.92 0.76 21.02
N VAL A 464 11.79 1.84 20.28
CA VAL A 464 11.97 1.82 18.83
C VAL A 464 12.65 3.09 18.35
N VAL A 465 13.65 2.91 17.50
CA VAL A 465 14.15 4.01 16.68
C VAL A 465 13.57 3.84 15.28
N GLN A 466 12.98 4.91 14.77
CA GLN A 466 12.45 4.92 13.39
C GLN A 466 13.41 5.68 12.49
N PRO A 467 13.22 5.61 11.16
CA PRO A 467 12.15 4.87 10.46
C PRO A 467 12.47 3.41 10.17
N ASN A 468 11.44 2.56 10.22
CA ASN A 468 11.61 1.15 9.89
C ASN A 468 11.06 0.71 8.55
N TRP A 469 10.62 1.70 7.78
CA TRP A 469 10.50 1.59 6.34
C TRP A 469 11.53 2.57 5.80
N GLU A 470 12.59 2.03 5.23
CA GLU A 470 13.70 2.87 4.79
C GLU A 470 13.29 3.69 3.59
N GLY A 471 13.39 5.01 3.76
CA GLY A 471 12.85 5.94 2.77
C GLY A 471 12.12 7.06 3.49
N ILE A 472 11.41 6.74 4.57
CA ILE A 472 10.70 7.77 5.31
C ILE A 472 11.74 8.80 5.82
N PRO A 473 11.56 10.09 5.49
CA PRO A 473 12.58 11.07 5.80
C PRO A 473 12.54 11.65 7.23
N PHE A 474 12.05 10.88 8.19
CA PHE A 474 12.13 11.26 9.59
C PHE A 474 11.96 10.02 10.42
N GLY A 475 12.32 10.11 11.69
CA GLY A 475 12.01 9.04 12.63
C GLY A 475 11.44 9.62 13.90
N ASN A 476 10.37 9.00 14.40
CA ASN A 476 9.88 9.26 15.76
C ASN A 476 10.43 8.24 16.74
N THR A 477 10.91 8.70 17.89
CA THR A 477 11.32 7.78 18.94
C THR A 477 10.11 7.21 19.70
N SER A 478 10.25 5.97 20.15
CA SER A 478 9.27 5.30 20.96
C SER A 478 9.91 4.80 22.24
N GLN A 479 9.39 5.23 23.38
CA GLN A 479 9.91 4.74 24.65
C GLN A 479 9.27 3.44 25.03
N GLN A 480 10.04 2.60 25.73
CA GLN A 480 9.53 1.38 26.32
C GLN A 480 8.68 1.68 27.57
N VAL A 481 7.45 1.19 27.62
CA VAL A 481 6.60 1.45 28.79
C VAL A 481 6.84 0.43 29.91
N VAL A 482 6.80 -0.85 29.56
CA VAL A 482 7.00 -1.95 30.52
C VAL A 482 7.92 -3.02 29.94
N GLU A 483 8.42 -3.90 30.79
CA GLU A 483 9.14 -5.08 30.34
C GLU A 483 8.13 -6.02 29.67
N PRO A 484 8.58 -6.81 28.68
CA PRO A 484 7.64 -7.75 28.07
C PRO A 484 7.08 -8.77 29.06
N ALA A 485 5.82 -9.10 28.86
CA ALA A 485 5.16 -10.12 29.71
C ALA A 485 5.70 -11.51 29.45
N GLY A 486 5.66 -12.35 30.47
CA GLY A 486 6.01 -13.77 30.35
C GLY A 486 7.39 -13.92 29.75
N GLU A 487 7.51 -14.79 28.74
CA GLU A 487 8.77 -15.02 28.05
C GLU A 487 8.70 -14.42 26.64
N ALA A 488 7.91 -13.37 26.45
CA ALA A 488 7.91 -12.71 25.12
C ALA A 488 9.27 -12.06 24.86
N LYS A 489 9.74 -12.19 23.63
CA LYS A 489 11.06 -11.67 23.31
C LYS A 489 10.96 -10.84 22.04
N ASP A 490 12.01 -10.07 21.83
CA ASP A 490 12.07 -9.22 20.65
C ASP A 490 12.54 -9.93 19.38
N GLU A 491 12.29 -9.32 18.21
CA GLU A 491 12.55 -10.00 16.96
C GLU A 491 14.03 -10.23 16.77
N TYR A 492 14.86 -9.30 17.26
CA TYR A 492 16.31 -9.49 17.11
C TYR A 492 16.83 -10.61 17.97
N TYR A 493 16.26 -10.78 19.17
CA TYR A 493 16.61 -11.93 19.99
C TYR A 493 16.47 -13.23 19.19
N PHE A 494 15.30 -13.44 18.58
CA PHE A 494 15.06 -14.62 17.76
C PHE A 494 16.11 -14.71 16.63
N ILE A 495 16.30 -13.63 15.88
CA ILE A 495 17.20 -13.70 14.74
C ILE A 495 18.64 -14.00 15.18
N ARG A 496 19.13 -13.31 16.21
CA ARG A 496 20.50 -13.51 16.64
C ARG A 496 20.72 -14.91 17.18
N GLU A 497 19.78 -15.39 17.99
CA GLU A 497 19.92 -16.73 18.58
C GLU A 497 19.95 -17.79 17.48
N LEU A 498 19.14 -17.61 16.44
CA LEU A 498 19.20 -18.55 15.32
C LEU A 498 20.51 -18.40 14.54
N ALA A 499 20.91 -17.15 14.26
CA ALA A 499 22.15 -16.90 13.52
C ALA A 499 23.34 -17.56 14.20
N VAL A 500 23.44 -17.43 15.51
CA VAL A 500 24.54 -18.06 16.24
C VAL A 500 24.55 -19.58 16.00
N ARG A 501 23.38 -20.20 16.10
CA ARG A 501 23.28 -21.66 15.91
C ARG A 501 23.55 -22.10 14.49
N MET A 502 23.34 -21.20 13.54
CA MET A 502 23.61 -21.48 12.13
C MET A 502 25.06 -21.19 11.75
N GLY A 503 25.88 -20.78 12.72
CA GLY A 503 27.31 -20.54 12.51
C GLY A 503 27.70 -19.13 12.10
N LEU A 504 26.78 -18.19 12.28
CA LEU A 504 26.94 -16.83 11.79
C LEU A 504 27.22 -15.78 12.88
N GLU A 505 27.65 -16.20 14.07
CA GLU A 505 27.88 -15.29 15.18
CA GLU A 505 27.82 -15.26 15.17
C GLU A 505 28.75 -14.09 14.84
N GLU A 506 29.79 -14.32 14.04
CA GLU A 506 30.74 -13.24 13.72
CA GLU A 506 30.72 -13.23 13.75
C GLU A 506 30.09 -12.06 13.00
N HIS A 507 28.96 -12.32 12.36
CA HIS A 507 28.22 -11.27 11.66
C HIS A 507 27.15 -10.56 12.46
N PHE A 508 27.00 -10.96 13.71
CA PHE A 508 25.98 -10.36 14.56
C PHE A 508 26.58 -9.95 15.90
N PRO A 509 27.40 -8.90 15.88
CA PRO A 509 28.14 -8.52 17.09
C PRO A 509 27.27 -7.90 18.16
N TRP A 510 26.10 -7.39 17.78
CA TRP A 510 25.21 -6.73 18.73
C TRP A 510 24.59 -7.81 19.61
N LYS A 511 24.86 -7.73 20.90
CA LYS A 511 24.44 -8.81 21.80
C LYS A 511 22.95 -8.83 22.09
N ASP A 512 22.27 -7.69 21.88
CA ASP A 512 20.84 -7.59 22.09
C ASP A 512 20.31 -6.42 21.27
N ARG A 513 19.00 -6.27 21.29
CA ARG A 513 18.35 -5.24 20.52
C ARG A 513 18.86 -3.85 20.91
N LEU A 514 19.17 -3.63 22.18
CA LEU A 514 19.63 -2.30 22.57
C LEU A 514 20.96 -1.98 21.92
N GLU A 515 21.86 -2.96 21.86
CA GLU A 515 23.12 -2.69 21.16
C GLU A 515 22.92 -2.40 19.68
N LEU A 516 21.98 -3.11 19.07
CA LEU A 516 21.64 -2.90 17.68
C LEU A 516 21.01 -1.52 17.45
N ILE A 517 20.11 -1.11 18.34
CA ILE A 517 19.59 0.26 18.33
C ILE A 517 20.74 1.28 18.40
N ASN A 518 21.68 1.07 19.32
CA ASN A 518 22.77 2.02 19.46
C ASN A 518 23.63 2.05 18.23
N TYR A 519 23.72 0.91 17.54
CA TYR A 519 24.43 0.89 16.25
C TYR A 519 23.69 1.69 15.16
N ARG A 520 22.37 1.48 15.07
CA ARG A 520 21.57 2.22 14.11
C ARG A 520 21.78 3.75 14.28
N ILE A 521 21.81 4.23 15.53
CA ILE A 521 21.98 5.66 15.77
C ILE A 521 23.42 6.10 15.98
N SER A 522 24.37 5.18 15.79
CA SER A 522 25.77 5.48 16.12
C SER A 522 26.34 6.74 15.44
N PRO A 523 25.94 7.08 14.18
CA PRO A 523 26.56 8.28 13.59
C PRO A 523 26.22 9.57 14.34
N THR A 524 25.16 9.57 15.15
CA THR A 524 24.75 10.75 15.94
C THR A 524 25.65 10.99 17.16
N GLY A 525 26.43 9.98 17.52
CA GLY A 525 27.21 10.02 18.77
C GLY A 525 26.39 9.82 20.02
N MET A 526 25.06 9.64 19.91
CA MET A 526 24.21 9.39 21.07
C MET A 526 23.93 7.91 21.25
N GLU A 527 23.72 7.52 22.51
CA GLU A 527 23.14 6.22 22.79
C GLU A 527 21.65 6.41 23.08
N TRP A 528 20.91 5.32 23.23
CA TRP A 528 19.46 5.37 23.32
C TRP A 528 18.91 6.19 24.50
N GLU A 529 19.57 6.15 25.65
CA GLU A 529 19.09 6.92 26.79
C GLU A 529 18.94 8.40 26.45
N GLU A 530 19.92 8.95 25.73
CA GLU A 530 19.86 10.34 25.33
C GLU A 530 18.97 10.55 24.08
N TYR A 531 19.09 9.64 23.13
CA TYR A 531 18.39 9.77 21.86
C TYR A 531 16.89 9.85 22.04
N GLN A 532 16.33 9.06 22.96
CA GLN A 532 14.87 8.95 23.09
C GLN A 532 14.25 10.20 23.67
N LYS A 533 15.08 11.12 24.16
CA LYS A 533 14.57 12.31 24.82
C LYS A 533 13.96 13.31 23.85
N GLN A 534 14.28 13.18 22.56
CA GLN A 534 13.71 14.05 21.55
C GLN A 534 12.69 13.26 20.75
N TYR A 535 11.55 13.88 20.46
CA TYR A 535 10.47 13.19 19.77
C TYR A 535 10.81 12.71 18.37
N THR A 536 11.42 13.60 17.57
CA THR A 536 11.51 13.39 16.13
C THR A 536 12.85 13.85 15.60
N TYR A 537 13.43 13.06 14.70
CA TYR A 537 14.65 13.43 14.02
C TYR A 537 14.41 13.47 12.53
N MET A 538 14.54 14.67 11.95
CA MET A 538 14.36 14.83 10.51
C MET A 538 15.61 14.45 9.76
N SER A 539 15.42 13.83 8.58
CA SER A 539 16.53 13.48 7.71
C SER A 539 16.80 14.62 6.73
N LYS A 540 18.07 14.78 6.38
CA LYS A 540 18.43 15.56 5.20
C LYS A 540 18.18 14.68 3.97
N LEU A 541 18.03 15.33 2.83
CA LEU A 541 17.76 14.63 1.59
C LEU A 541 18.72 15.19 0.54
N PRO A 542 19.03 14.39 -0.52
CA PRO A 542 19.88 14.93 -1.60
C PRO A 542 19.24 16.11 -2.32
N ASP A 543 20.03 16.97 -2.95
N ASP A 543 20.14 16.90 -2.90
CA ASP A 543 19.42 18.09 -3.69
CA ASP A 543 19.86 17.94 -3.87
C ASP A 543 19.05 17.62 -5.09
C ASP A 543 19.72 17.29 -5.24
N TYR A 544 17.81 17.12 -5.22
N TYR A 544 18.54 16.76 -5.48
CA TYR A 544 17.37 16.45 -6.44
CA TYR A 544 18.26 16.04 -6.70
C TYR A 544 17.27 17.42 -7.60
C TYR A 544 18.27 17.01 -7.88
N PHE A 545 16.58 18.53 -7.36
N PHE A 545 17.66 18.18 -7.68
CA PHE A 545 16.12 19.36 -8.48
CA PHE A 545 17.24 19.00 -8.82
C PHE A 545 16.62 20.80 -8.51
C PHE A 545 17.76 20.44 -8.81
N GLY A 546 17.51 21.17 -7.60
N GLY A 546 18.61 20.77 -7.86
CA GLY A 546 18.06 22.52 -7.63
CA GLY A 546 19.19 22.11 -7.81
C GLY A 546 18.81 22.83 -8.92
C GLY A 546 19.97 22.44 -9.07
N PRO A 547 19.32 24.07 -9.04
N PRO A 547 20.50 23.67 -9.15
CA PRO A 547 20.14 24.42 -10.21
CA PRO A 547 21.33 24.02 -10.29
C PRO A 547 21.31 23.47 -10.40
C PRO A 547 22.55 23.09 -10.41
N GLU A 548 21.89 22.96 -9.31
N GLU A 548 22.90 22.43 -9.32
CA GLU A 548 22.91 21.91 -9.44
CA GLU A 548 23.97 21.44 -9.33
C GLU A 548 22.40 20.58 -8.86
C GLU A 548 23.42 20.06 -8.98
N GLY A 549 21.11 20.34 -9.04
N GLY A 549 22.15 19.85 -9.28
CA GLY A 549 20.47 19.12 -8.53
CA GLY A 549 21.43 18.64 -8.87
C GLY A 549 21.12 17.84 -9.04
C GLY A 549 22.11 17.34 -9.24
N VAL A 550 20.96 16.77 -8.25
N VAL A 550 21.95 16.34 -8.39
CA VAL A 550 21.57 15.49 -8.58
CA VAL A 550 22.53 15.02 -8.65
C VAL A 550 20.60 14.59 -9.37
C VAL A 550 21.59 14.16 -9.49
N GLY A 551 19.37 15.05 -9.54
N GLY A 551 20.39 14.65 -9.74
CA GLY A 551 18.37 14.25 -10.24
CA GLY A 551 19.39 13.85 -10.43
C GLY A 551 17.90 13.11 -9.36
C GLY A 551 18.87 12.75 -9.51
N VAL A 552 17.35 12.08 -9.97
N VAL A 552 18.33 11.71 -10.11
CA VAL A 552 16.73 10.95 -9.26
CA VAL A 552 17.66 10.65 -9.36
C VAL A 552 17.44 9.62 -9.53
C VAL A 552 18.29 9.29 -9.64
N ALA A 553 17.22 8.62 -8.68
N ALA A 553 17.93 8.30 -8.83
CA ALA A 553 17.88 7.32 -8.84
CA ALA A 553 18.49 6.95 -8.94
C ALA A 553 17.21 6.41 -9.91
C ALA A 553 17.80 6.11 -10.01
N THR A 554 17.07 6.94 -11.12
N THR A 554 17.83 6.59 -11.24
CA THR A 554 16.54 6.17 -12.25
CA THR A 554 17.35 5.85 -12.41
C THR A 554 17.65 5.96 -13.25
C THR A 554 18.51 5.64 -13.38
N PRO A 555 17.43 5.09 -14.26
N PRO A 555 18.35 4.75 -14.37
CA PRO A 555 18.48 4.93 -15.25
CA PRO A 555 19.44 4.50 -15.32
C PRO A 555 18.93 6.24 -15.91
C PRO A 555 19.95 5.78 -16.02
N SER A 556 18.00 7.12 -16.24
N SER A 556 19.03 6.66 -16.40
CA SER A 556 18.31 8.40 -16.90
CA SER A 556 19.35 7.93 -17.05
C SER A 556 18.71 9.50 -15.93
C SER A 556 19.82 9.02 -16.09
N GLY A 557 18.43 9.32 -14.64
N GLY A 557 19.53 8.87 -14.80
CA GLY A 557 18.66 10.39 -13.70
CA GLY A 557 19.78 9.95 -13.87
C GLY A 557 17.50 11.38 -13.69
C GLY A 557 18.62 10.94 -13.84
N LYS A 558 16.51 11.12 -14.53
N LYS A 558 17.62 10.68 -14.67
CA LYS A 558 15.33 11.97 -14.62
CA LYS A 558 16.49 11.58 -14.83
C LYS A 558 14.04 11.20 -14.35
C LYS A 558 15.16 10.88 -14.54
N VAL A 559 12.95 11.93 -14.19
N VAL A 559 14.10 11.66 -14.45
CA VAL A 559 11.64 11.31 -13.97
CA VAL A 559 12.77 11.10 -14.29
C VAL A 559 11.22 10.63 -15.27
C VAL A 559 12.37 10.38 -15.58
N GLU A 560 11.08 9.32 -15.23
N GLU A 560 12.22 9.07 -15.50
CA GLU A 560 10.80 8.57 -16.44
CA GLU A 560 11.95 8.27 -16.68
C GLU A 560 9.28 8.42 -16.65
C GLU A 560 10.45 8.14 -16.98
N LEU A 561 8.71 9.40 -17.35
N LEU A 561 9.93 9.13 -17.69
CA LEU A 561 7.29 9.38 -17.70
CA LEU A 561 8.52 9.12 -18.09
C LEU A 561 7.05 8.19 -18.62
C LEU A 561 8.27 7.93 -19.00
N TYR A 562 8.03 7.96 -19.50
N TYR A 562 9.23 7.66 -19.87
CA TYR A 562 8.14 6.74 -20.27
CA TYR A 562 9.31 6.39 -20.57
C TYR A 562 9.17 5.91 -19.50
C TYR A 562 10.29 5.53 -19.76
N SER A 563 8.76 4.73 -19.02
N SER A 563 9.85 4.36 -19.31
CA SER A 563 9.66 3.93 -18.19
CA SER A 563 10.69 3.57 -18.42
C SER A 563 10.59 3.02 -18.98
C SER A 563 11.64 2.62 -19.13
N SER A 564 11.89 3.32 -18.91
N SER A 564 12.95 2.91 -19.05
CA SER A 564 12.90 2.48 -19.53
CA SER A 564 13.95 2.07 -19.69
C SER A 564 12.98 1.09 -18.89
C SER A 564 14.00 0.72 -18.99
N VAL A 565 12.77 1.02 -17.58
N VAL A 565 13.75 0.69 -17.68
CA VAL A 565 12.82 -0.29 -16.92
CA VAL A 565 13.80 -0.57 -16.94
C VAL A 565 11.70 -1.20 -17.40
C VAL A 565 12.69 -1.49 -17.43
N PHE A 566 10.47 -0.67 -17.47
N PHE A 566 11.48 -0.94 -17.56
CA PHE A 566 9.37 -1.45 -18.01
CA PHE A 566 10.37 -1.74 -18.07
C PHE A 566 9.62 -1.86 -19.46
C PHE A 566 10.60 -2.17 -19.52
N GLU A 567 10.16 -0.96 -20.26
N GLU A 567 11.20 -1.29 -20.32
CA GLU A 567 10.44 -1.30 -21.65
CA GLU A 567 11.52 -1.67 -21.67
C GLU A 567 11.36 -2.52 -21.68
C GLU A 567 12.41 -2.93 -21.69
N LYS A 568 12.44 -2.43 -20.91
N LYS A 568 13.47 -2.90 -20.89
CA LYS A 568 13.42 -3.51 -20.71
CA LYS A 568 14.44 -4.00 -20.82
C LYS A 568 12.75 -4.84 -20.31
C LYS A 568 13.79 -5.28 -20.31
N LEU A 569 11.83 -4.78 -19.36
N LEU A 569 12.81 -5.14 -19.43
CA LEU A 569 11.20 -6.00 -18.86
CA LEU A 569 12.16 -6.32 -18.83
C LEU A 569 10.10 -6.52 -19.77
C LEU A 569 11.07 -6.86 -19.75
N GLY A 570 9.76 -5.75 -20.80
N GLY A 570 10.78 -6.11 -20.81
CA GLY A 570 8.75 -6.20 -21.75
CA GLY A 570 9.80 -6.54 -21.80
C GLY A 570 7.34 -5.75 -21.42
C GLY A 570 8.38 -6.11 -21.50
N TYR A 571 7.22 -4.79 -20.51
N TYR A 571 8.24 -5.09 -20.64
CA TYR A 571 5.92 -4.24 -20.12
CA TYR A 571 6.92 -4.55 -20.31
C TYR A 571 5.68 -2.88 -20.78
C TYR A 571 6.71 -3.22 -21.03
N ASP A 572 4.44 -2.43 -20.75
N ASP A 572 5.47 -2.77 -21.10
CA ASP A 572 4.10 -1.15 -21.41
CA ASP A 572 5.17 -1.50 -21.76
C ASP A 572 4.86 -0.02 -20.72
C ASP A 572 5.87 -0.39 -20.98
N PRO A 573 5.73 0.71 -21.45
N PRO A 573 6.81 0.34 -21.64
CA PRO A 573 6.47 1.81 -20.83
CA PRO A 573 7.57 1.41 -20.98
C PRO A 573 5.58 2.97 -20.37
C PRO A 573 6.73 2.62 -20.63
N LEU A 574 4.31 2.95 -20.78
N LEU A 574 5.47 2.62 -21.09
CA LEU A 574 3.38 4.00 -20.44
CA LEU A 574 4.53 3.72 -20.82
C LEU A 574 2.08 3.49 -19.83
C LEU A 574 3.21 3.20 -20.25
N PRO A 575 1.42 4.31 -19.01
N PRO A 575 2.57 4.00 -19.39
CA PRO A 575 0.20 3.88 -18.36
CA PRO A 575 1.30 3.56 -18.81
C PRO A 575 -0.96 3.66 -19.34
C PRO A 575 0.16 3.41 -19.83
N TYR A 576 -1.81 2.71 -19.02
N TYR A 576 -0.74 2.50 -19.49
CA TYR A 576 -2.96 2.37 -19.83
CA TYR A 576 -1.85 2.14 -20.35
C TYR A 576 -4.09 1.89 -18.91
C TYR A 576 -3.02 1.73 -19.43
N TYR A 577 -5.28 1.72 -19.47
N TYR A 577 -4.19 1.55 -20.03
CA TYR A 577 -6.35 1.01 -18.74
CA TYR A 577 -5.27 0.87 -19.36
C TYR A 577 -6.97 -0.02 -19.66
C TYR A 577 -5.84 -0.20 -20.27
N HIS A 578 -6.96 -1.28 -19.22
N HIS A 578 -5.87 -1.44 -19.79
CA HIS A 578 -7.74 -2.32 -19.87
CA HIS A 578 -6.65 -2.47 -20.44
C HIS A 578 -8.74 -2.87 -18.88
C HIS A 578 -7.71 -2.96 -19.46
N GLU A 579 -9.97 -3.07 -19.34
N GLU A 579 -8.94 -3.13 -19.94
CA GLU A 579 -11.02 -3.60 -18.48
CA GLU A 579 -10.01 -3.65 -19.12
C GLU A 579 -10.56 -4.91 -17.87
C GLU A 579 -9.59 -4.96 -18.42
N PRO A 580 -10.68 -5.04 -16.55
N PRO A 580 -9.83 -5.08 -17.10
CA PRO A 580 -10.31 -6.33 -15.97
CA PRO A 580 -9.65 -6.37 -16.45
C PRO A 580 -11.04 -7.48 -16.67
C PRO A 580 -10.62 -7.40 -17.05
N LEU A 581 -10.43 -8.67 -16.69
CA LEU A 581 -10.98 -9.78 -17.47
C LEU A 581 -12.26 -10.41 -16.92
N GLN A 582 -12.69 -9.95 -15.74
CA GLN A 582 -13.94 -10.37 -15.09
C GLN A 582 -14.77 -9.20 -14.64
N THR A 583 -15.40 -8.53 -15.61
CA THR A 583 -16.34 -7.48 -15.30
C THR A 583 -17.54 -7.62 -16.21
N GLU A 584 -18.50 -6.72 -16.04
CA GLU A 584 -19.69 -6.71 -16.90
C GLU A 584 -19.36 -6.26 -18.31
N ILE A 585 -18.25 -5.54 -18.48
CA ILE A 585 -17.78 -5.09 -19.80
C ILE A 585 -17.05 -6.23 -20.53
N SER A 586 -16.12 -6.88 -19.83
CA SER A 586 -15.28 -7.90 -20.46
C SER A 586 -15.99 -9.25 -20.55
N ASP A 587 -16.92 -9.50 -19.64
CA ASP A 587 -17.62 -10.79 -19.59
C ASP A 587 -19.07 -10.66 -19.11
N PRO A 588 -19.93 -10.01 -19.93
CA PRO A 588 -21.35 -9.89 -19.56
C PRO A 588 -22.04 -11.24 -19.37
N GLU A 589 -21.60 -12.26 -20.10
CA GLU A 589 -22.19 -13.59 -19.94
C GLU A 589 -21.94 -14.15 -18.54
N LEU A 590 -20.69 -14.09 -18.08
CA LEU A 590 -20.36 -14.53 -16.72
C LEU A 590 -21.14 -13.72 -15.68
N ALA A 591 -21.31 -12.44 -15.97
CA ALA A 591 -22.03 -11.53 -15.06
C ALA A 591 -23.51 -11.90 -14.90
N LYS A 592 -24.05 -12.75 -15.77
CA LYS A 592 -25.41 -13.23 -15.54
C LYS A 592 -25.48 -14.13 -14.31
N GLU A 593 -24.41 -14.92 -14.08
CA GLU A 593 -24.37 -15.81 -12.95
C GLU A 593 -23.75 -15.14 -11.73
N TYR A 594 -22.78 -14.26 -11.99
CA TYR A 594 -22.04 -13.53 -10.95
C TYR A 594 -22.26 -12.04 -11.22
N PRO A 595 -23.40 -11.51 -10.76
CA PRO A 595 -23.81 -10.16 -11.17
C PRO A 595 -23.12 -9.00 -10.45
N LEU A 596 -22.38 -9.30 -9.38
CA LEU A 596 -21.82 -8.24 -8.50
C LEU A 596 -20.35 -8.02 -8.77
N ILE A 597 -19.93 -6.76 -8.86
CA ILE A 597 -18.50 -6.42 -8.91
C ILE A 597 -17.95 -6.41 -7.48
N LEU A 598 -16.85 -7.12 -7.26
CA LEU A 598 -16.28 -7.29 -5.93
C LEU A 598 -15.30 -6.21 -5.51
N PHE A 599 -15.43 -5.82 -4.25
CA PHE A 599 -14.45 -5.00 -3.54
C PHE A 599 -14.08 -5.77 -2.26
N ALA A 600 -12.84 -6.25 -2.15
CA ALA A 600 -12.36 -6.84 -0.89
C ALA A 600 -11.56 -5.81 -0.12
N GLY A 601 -12.00 -5.50 1.11
CA GLY A 601 -11.34 -4.48 1.90
C GLY A 601 -12.35 -3.74 2.77
N LEU A 602 -12.09 -2.44 2.93
CA LEU A 602 -12.84 -1.53 3.82
C LEU A 602 -12.42 -1.80 5.25
N ARG A 603 -11.48 -0.99 5.69
CA ARG A 603 -10.91 -1.18 7.02
C ARG A 603 -11.90 -0.78 8.09
N GLU A 604 -11.91 -1.53 9.19
CA GLU A 604 -12.89 -1.36 10.26
C GLU A 604 -12.22 -0.71 11.44
N ASP A 605 -12.97 0.21 12.07
CA ASP A 605 -12.44 1.03 13.16
C ASP A 605 -11.74 0.23 14.25
N SER A 606 -12.31 -0.93 14.61
CA SER A 606 -11.91 -1.66 15.81
C SER A 606 -10.87 -2.76 15.60
N ASN A 607 -10.48 -3.02 14.35
CA ASN A 607 -9.49 -4.07 14.07
C ASN A 607 -8.46 -3.57 13.10
N PHE A 608 -7.31 -4.24 13.07
CA PHE A 608 -6.28 -3.89 12.11
C PHE A 608 -5.95 -5.17 11.36
N GLN A 609 -6.27 -5.23 10.06
CA GLN A 609 -6.00 -6.44 9.29
C GLN A 609 -6.64 -7.62 10.01
N SER A 610 -5.92 -8.69 10.31
CA SER A 610 -6.51 -9.82 11.04
C SER A 610 -6.37 -9.73 12.55
N CYS A 611 -5.98 -8.56 13.05
CA CYS A 611 -5.63 -8.38 14.47
C CYS A 611 -6.79 -7.86 15.29
N TYR A 612 -6.77 -8.24 16.56
CA TYR A 612 -7.67 -7.75 17.64
C TYR A 612 -9.06 -8.36 17.57
N HIS A 613 -9.18 -9.52 16.93
CA HIS A 613 -10.46 -10.27 16.99
C HIS A 613 -10.61 -11.13 18.27
N GLN A 614 -9.58 -11.19 19.11
CA GLN A 614 -9.69 -11.91 20.39
C GLN A 614 -10.87 -11.34 21.21
N PRO A 615 -11.58 -12.19 22.00
CA PRO A 615 -12.68 -11.68 22.82
C PRO A 615 -12.26 -10.45 23.61
N GLY A 616 -13.04 -9.38 23.49
CA GLY A 616 -12.78 -8.16 24.23
C GLY A 616 -13.51 -6.99 23.66
N ILE A 617 -13.22 -5.82 24.21
CA ILE A 617 -13.89 -4.58 23.83
C ILE A 617 -13.81 -4.28 22.34
N LEU A 618 -12.63 -4.48 21.73
CA LEU A 618 -12.50 -4.19 20.31
C LEU A 618 -13.34 -5.14 19.45
N ARG A 619 -13.27 -6.45 19.75
CA ARG A 619 -14.08 -7.45 19.03
C ARG A 619 -15.57 -7.14 19.13
N ASP A 620 -15.97 -6.67 20.31
CA ASP A 620 -17.39 -6.37 20.56
C ASP A 620 -17.94 -5.23 19.69
N ALA A 621 -17.06 -4.31 19.27
CA ALA A 621 -17.45 -3.15 18.45
C ALA A 621 -17.89 -3.52 17.02
N GLU A 622 -17.32 -4.60 16.49
CA GLU A 622 -17.75 -5.16 15.22
C GLU A 622 -17.51 -6.68 15.30
N PRO A 623 -18.42 -7.44 15.93
N PRO A 623 -18.46 -7.40 15.89
CA PRO A 623 -18.08 -8.82 16.32
CA PRO A 623 -18.33 -8.82 16.14
C PRO A 623 -18.20 -9.93 15.26
C PRO A 623 -18.35 -9.67 14.88
N ASP A 624 -18.96 -9.67 14.19
N ASP A 624 -18.89 -9.14 13.78
CA ASP A 624 -19.15 -10.66 13.13
CA ASP A 624 -19.17 -9.97 12.59
C ASP A 624 -18.46 -10.24 11.83
C ASP A 624 -18.47 -9.52 11.30
N PRO A 625 -18.18 -11.21 10.96
N PRO A 625 -18.19 -10.48 10.40
CA PRO A 625 -17.66 -10.84 9.64
CA PRO A 625 -17.63 -10.21 9.09
C PRO A 625 -18.84 -10.45 8.75
C PRO A 625 -18.74 -9.77 8.12
N VAL A 626 -18.78 -9.24 8.19
N VAL A 626 -18.63 -8.57 7.56
CA VAL A 626 -19.98 -8.63 7.62
CA VAL A 626 -19.75 -7.92 6.87
C VAL A 626 -19.86 -8.36 6.12
C VAL A 626 -19.56 -7.71 5.36
N ALA A 627 -20.85 -8.81 5.35
N ALA A 627 -20.56 -8.10 4.58
CA ALA A 627 -21.01 -8.40 3.96
CA ALA A 627 -20.63 -7.74 3.16
C ALA A 627 -21.90 -7.17 3.88
C ALA A 627 -21.47 -6.49 3.03
N LEU A 628 -21.59 -6.29 2.94
N LEU A 628 -21.10 -5.60 2.10
CA LEU A 628 -22.41 -5.09 2.75
CA LEU A 628 -21.93 -4.42 1.82
C LEU A 628 -23.04 -5.09 1.36
C LEU A 628 -22.46 -4.41 0.39
N LEU A 629 -24.36 -4.90 1.35
N LEU A 629 -23.78 -4.25 0.27
CA LEU A 629 -25.12 -4.74 0.11
CA LEU A 629 -24.45 -4.07 -1.00
C LEU A 629 -26.02 -3.53 0.22
C LEU A 629 -25.29 -2.81 -0.94
N HIS A 630 -26.19 -2.84 -0.91
N HIS A 630 -25.40 -2.12 -2.07
CA HIS A 630 -27.20 -1.81 -1.00
CA HIS A 630 -26.38 -1.07 -2.25
C HIS A 630 -28.56 -2.48 -0.75
C HIS A 630 -27.75 -1.66 -1.96
N PRO A 631 -29.46 -1.79 -0.03
N PRO A 631 -28.62 -0.90 -1.25
CA PRO A 631 -30.80 -2.32 0.19
CA PRO A 631 -29.91 -1.48 -0.90
C PRO A 631 -31.53 -2.80 -1.07
C PRO A 631 -30.72 -1.89 -2.13
N LYS A 632 -31.47 -2.02 -2.14
N LYS A 632 -30.54 -1.20 -3.24
CA LYS A 632 -32.14 -2.40 -3.39
CA LYS A 632 -31.31 -1.50 -4.43
C LYS A 632 -31.54 -3.70 -3.97
C LYS A 632 -30.83 -2.79 -5.08
N THR A 633 -30.21 -3.80 -3.93
N THR A 633 -29.53 -3.01 -5.01
CA THR A 633 -29.54 -4.99 -4.43
CA THR A 633 -28.92 -4.20 -5.59
C THR A 633 -29.88 -6.23 -3.56
C THR A 633 -29.30 -5.40 -4.72
N ALA A 634 -29.79 -6.09 -2.25
N ALA A 634 -29.19 -5.23 -3.40
CA ALA A 634 -30.14 -7.19 -1.36
CA ALA A 634 -29.63 -6.25 -2.46
C ALA A 634 -31.58 -7.63 -1.59
C ALA A 634 -31.10 -6.60 -2.65
N GLN A 635 -32.46 -6.64 -1.70
N GLN A 635 -31.94 -5.59 -2.78
CA GLN A 635 -33.88 -6.87 -1.92
CA GLN A 635 -33.37 -5.81 -2.99
C GLN A 635 -34.11 -7.72 -3.15
C GLN A 635 -33.61 -6.65 -4.25
N SER A 636 -33.41 -7.38 -4.23
N SER A 636 -32.95 -6.29 -5.34
CA SER A 636 -33.54 -8.09 -5.50
CA SER A 636 -33.07 -7.03 -6.58
C SER A 636 -33.09 -9.55 -5.39
C SER A 636 -32.68 -8.50 -6.41
N LEU A 637 -32.16 -9.81 -4.47
N LEU A 637 -31.73 -8.76 -5.51
CA LEU A 637 -31.62 -11.16 -4.29
CA LEU A 637 -31.26 -10.11 -5.29
C LEU A 637 -32.34 -11.93 -3.19
C LEU A 637 -32.06 -10.83 -4.20
N GLY A 638 -33.28 -11.27 -2.52
N GLY A 638 -33.03 -10.12 -3.62
CA GLY A 638 -34.05 -11.92 -1.45
CA GLY A 638 -33.85 -10.68 -2.55
C GLY A 638 -33.26 -12.15 -0.18
C GLY A 638 -33.04 -10.98 -1.30
N LEU A 639 -32.31 -11.26 0.11
N LEU A 639 -32.05 -10.13 -1.03
CA LEU A 639 -31.46 -11.43 1.27
CA LEU A 639 -31.14 -10.30 0.11
C LEU A 639 -31.74 -10.33 2.29
C LEU A 639 -31.38 -9.23 1.15
N PRO A 640 -32.42 -10.68 3.39
N PRO A 640 -32.06 -9.58 2.23
CA PRO A 640 -32.74 -9.66 4.38
CA PRO A 640 -32.31 -8.58 3.27
C PRO A 640 -31.46 -9.10 5.02
C PRO A 640 -31.08 -8.32 4.13
N SER A 641 -31.39 -7.78 5.16
N SER A 641 -31.06 -7.17 4.79
CA SER A 641 -30.24 -7.14 5.80
CA SER A 641 -30.05 -6.91 5.81
C SER A 641 -30.15 -7.74 7.18
C SER A 641 -30.11 -7.89 6.98
N GLY A 642 -28.95 -8.13 7.60
CA GLY A 642 -28.84 -8.86 8.86
C GLY A 642 -28.94 -10.38 8.84
N GLU A 643 -28.88 -10.98 7.64
CA GLU A 643 -28.89 -12.44 7.53
C GLU A 643 -27.58 -12.95 6.91
N TRP A 644 -27.20 -14.19 7.26
CA TRP A 644 -25.94 -14.79 6.77
C TRP A 644 -26.02 -15.24 5.32
N ILE A 645 -24.96 -14.95 4.57
CA ILE A 645 -24.92 -15.26 3.15
C ILE A 645 -23.55 -15.86 2.79
N TRP A 646 -23.49 -16.52 1.65
CA TRP A 646 -22.22 -16.81 1.01
C TRP A 646 -21.96 -15.75 -0.05
N VAL A 647 -20.71 -15.32 -0.17
CA VAL A 647 -20.31 -14.50 -1.30
C VAL A 647 -19.30 -15.33 -2.05
N GLU A 648 -19.53 -15.54 -3.33
CA GLU A 648 -18.77 -16.52 -4.10
C GLU A 648 -18.29 -15.90 -5.41
N THR A 649 -17.01 -16.10 -5.70
CA THR A 649 -16.43 -15.77 -7.00
C THR A 649 -16.18 -17.09 -7.73
N THR A 650 -15.60 -17.01 -8.92
CA THR A 650 -15.20 -18.22 -9.62
C THR A 650 -14.11 -19.00 -8.86
N HIS A 651 -13.40 -18.32 -7.96
CA HIS A 651 -12.29 -18.95 -7.22
C HIS A 651 -12.74 -19.67 -5.95
N GLY A 652 -13.69 -19.11 -5.21
CA GLY A 652 -14.09 -19.70 -3.95
C GLY A 652 -15.15 -18.85 -3.30
N ARG A 653 -15.47 -19.15 -2.04
CA ARG A 653 -16.53 -18.41 -1.35
C ARG A 653 -16.17 -18.17 0.11
N LEU A 654 -16.84 -17.19 0.72
CA LEU A 654 -16.73 -17.00 2.16
C LEU A 654 -18.10 -16.66 2.72
N LYS A 655 -18.26 -16.86 4.03
CA LYS A 655 -19.54 -16.71 4.71
C LYS A 655 -19.55 -15.40 5.47
N LEU A 656 -20.60 -14.62 5.29
CA LEU A 656 -20.65 -13.28 5.88
C LEU A 656 -22.03 -12.90 6.33
N LEU A 657 -22.10 -11.96 7.26
CA LEU A 657 -23.37 -11.36 7.66
C LEU A 657 -23.64 -10.15 6.78
N LEU A 658 -24.73 -10.31 6.06
N LEU A 658 -24.74 -10.01 6.01
CA LEU A 658 -25.28 -9.28 5.31
CA LEU A 658 -24.90 -8.83 5.07
C LEU A 658 -25.80 -8.27 6.28
C LEU A 658 -25.46 -7.49 5.62
N LYS A 659 -25.31 -7.05 6.10
N LYS A 659 -24.95 -6.36 5.11
CA LYS A 659 -25.98 -5.90 6.64
CA LYS A 659 -25.54 -5.05 5.42
C LYS A 659 -26.25 -5.00 5.46
C LYS A 659 -25.77 -4.19 4.16
N HIS A 660 -27.49 -4.56 5.33
N HIS A 660 -26.88 -3.43 4.15
CA HIS A 660 -27.79 -3.64 4.26
CA HIS A 660 -27.13 -2.42 3.12
C HIS A 660 -27.10 -2.32 4.55
C HIS A 660 -26.55 -1.07 3.57
N ASP A 661 -26.57 -1.69 3.52
N ASP A 661 -25.97 -0.25 2.69
CA ASP A 661 -25.95 -0.41 3.76
CA ASP A 661 -25.81 1.17 3.14
C ASP A 661 -26.05 0.43 2.50
C ASP A 661 -26.42 2.27 2.27
N GLY A 662 -26.87 1.46 2.59
N GLY A 662 -25.83 2.45 1.09
CA GLY A 662 -27.16 2.32 1.45
CA GLY A 662 -26.16 3.53 0.16
C GLY A 662 -25.96 2.98 0.82
C GLY A 662 -24.92 4.06 -0.54
N ALA A 663 -24.87 3.11 1.57
N ALA A 663 -23.79 4.05 0.17
CA ALA A 663 -23.64 3.69 1.02
CA ALA A 663 -22.51 4.54 -0.35
C ALA A 663 -22.90 2.74 0.10
C ALA A 663 -21.84 3.54 -1.28
N GLN A 664 -23.16 1.44 0.19
N GLN A 664 -22.30 2.29 -1.21
CA GLN A 664 -22.56 0.50 -0.76
CA GLN A 664 -21.74 1.25 -2.06
C GLN A 664 -23.30 0.59 -2.09
C GLN A 664 -22.47 1.30 -3.41
N PRO A 665 -22.62 0.97 -3.18
N PRO A 665 -21.74 1.58 -4.51
CA PRO A 665 -23.35 1.15 -4.44
CA PRO A 665 -22.47 1.74 -5.77
C PRO A 665 -24.08 -0.09 -4.93
C PRO A 665 -23.25 0.50 -6.19
N GLU A 666 -25.23 0.12 -5.56
N GLU A 666 -24.35 0.70 -6.91
CA GLU A 666 -25.99 -0.96 -6.15
CA GLU A 666 -25.13 -0.42 -7.40
C GLU A 666 -25.12 -1.83 -7.05
C GLU A 666 -24.27 -1.38 -8.24
N GLY A 667 -25.35 -3.13 -7.01
N GLY A 667 -24.55 -2.68 -8.15
CA GLY A 667 -24.68 -4.08 -7.89
CA GLY A 667 -23.86 -3.66 -9.00
C GLY A 667 -23.23 -4.36 -7.52
C GLY A 667 -22.44 -4.00 -8.54
N THR A 668 -22.81 -3.89 -6.36
N THR A 668 -22.11 -3.62 -7.31
CA THR A 668 -21.47 -4.16 -5.87
CA THR A 668 -20.80 -3.92 -6.69
C THR A 668 -21.64 -4.76 -4.48
C THR A 668 -20.96 -4.48 -5.26
N ILE A 669 -20.63 -5.50 -4.04
N ILE A 669 -19.96 -5.18 -4.73
CA ILE A 669 -20.62 -6.12 -2.71
CA ILE A 669 -20.06 -5.73 -3.37
C ILE A 669 -19.28 -5.98 -1.99
C ILE A 669 -18.75 -5.56 -2.64
N ARG A 670 -19.34 -5.62 -0.70
N ARG A 670 -18.83 -5.13 -1.38
CA ARG A 670 -18.15 -5.58 0.14
CA ARG A 670 -17.66 -5.11 -0.51
C ARG A 670 -17.99 -6.88 0.92
C ARG A 670 -17.64 -6.38 0.33
N ILE A 671 -16.77 -7.40 0.91
N ILE A 671 -16.46 -6.99 0.45
CA ILE A 671 -16.36 -8.44 1.85
CA ILE A 671 -16.22 -8.03 1.42
C ILE A 671 -15.18 -7.90 2.68
C ILE A 671 -15.00 -7.59 2.25
N PRO A 672 -15.07 -8.32 3.95
N PRO A 672 -14.97 -7.96 3.53
CA PRO A 672 -14.00 -7.80 4.81
CA PRO A 672 -13.89 -7.49 4.39
C PRO A 672 -12.71 -8.57 4.59
C PRO A 672 -12.65 -8.40 4.30
N HIS A 673 -11.58 -7.95 4.92
CA HIS A 673 -10.33 -8.71 5.00
C HIS A 673 -9.97 -8.98 6.44
N GLY A 674 -9.47 -10.19 6.70
CA GLY A 674 -8.80 -10.45 7.95
C GLY A 674 -9.67 -11.07 9.00
N ARG A 675 -10.91 -11.42 8.65
CA ARG A 675 -11.84 -11.92 9.64
C ARG A 675 -11.61 -13.39 10.01
N TRP A 676 -11.47 -13.65 11.30
CA TRP A 676 -11.47 -15.01 11.81
C TRP A 676 -11.97 -14.95 13.25
N CYS A 677 -12.02 -16.09 13.92
CA CYS A 677 -12.78 -16.23 15.16
C CYS A 677 -11.89 -16.88 16.23
N PRO A 678 -11.05 -16.08 16.92
CA PRO A 678 -10.09 -16.60 17.91
C PRO A 678 -10.71 -17.33 19.09
N GLU A 679 -12.02 -17.15 19.30
CA GLU A 679 -12.73 -17.84 20.37
C GLU A 679 -12.95 -19.31 20.03
N GLN A 680 -12.82 -19.68 18.76
CA GLN A 680 -13.07 -21.07 18.35
C GLN A 680 -11.87 -21.95 18.61
N GLU A 681 -12.07 -23.26 18.65
CA GLU A 681 -10.96 -24.19 18.66
C GLU A 681 -10.22 -24.06 17.32
N GLY A 682 -8.90 -24.25 17.34
CA GLY A 682 -8.11 -24.21 16.11
C GLY A 682 -8.13 -25.55 15.40
N GLY A 683 -7.31 -25.64 14.36
CA GLY A 683 -7.19 -26.86 13.59
C GLY A 683 -8.13 -26.86 12.38
N PRO A 684 -7.99 -27.88 11.53
CA PRO A 684 -8.72 -27.90 10.26
C PRO A 684 -10.23 -28.07 10.40
N GLU A 685 -10.67 -28.70 11.49
CA GLU A 685 -12.11 -28.94 11.64
C GLU A 685 -12.95 -27.66 11.73
N THR A 686 -12.36 -26.58 12.24
CA THR A 686 -13.01 -25.27 12.28
C THR A 686 -12.50 -24.36 11.14
N GLY A 687 -11.79 -24.91 10.14
CA GLY A 687 -11.17 -24.10 9.10
C GLY A 687 -10.15 -23.15 9.71
N PHE A 688 -9.43 -23.61 10.72
CA PHE A 688 -8.43 -22.83 11.45
C PHE A 688 -9.07 -21.61 12.06
N SER A 689 -10.02 -21.91 12.96
CA SER A 689 -10.75 -20.90 13.72
C SER A 689 -11.44 -19.91 12.78
N GLY A 690 -12.04 -20.45 11.72
CA GLY A 690 -12.83 -19.64 10.80
C GLY A 690 -12.08 -18.98 9.65
N ALA A 691 -10.76 -19.10 9.64
CA ALA A 691 -9.98 -18.53 8.53
C ALA A 691 -10.50 -18.97 7.17
N MET A 692 -10.76 -20.27 7.04
CA MET A 692 -11.16 -20.86 5.75
C MET A 692 -12.61 -20.54 5.39
N LEU A 693 -13.34 -19.96 6.33
CA LEU A 693 -14.76 -19.62 6.14
C LEU A 693 -14.98 -18.12 5.95
N HIS A 694 -14.15 -17.27 6.56
CA HIS A 694 -14.48 -15.85 6.61
C HIS A 694 -13.43 -14.88 6.04
N ASN A 695 -12.30 -15.37 5.53
CA ASN A 695 -11.30 -14.45 5.03
C ASN A 695 -11.45 -14.23 3.54
N ASP A 696 -11.22 -12.99 3.10
CA ASP A 696 -11.32 -12.64 1.68
C ASP A 696 -10.40 -13.46 0.77
N ALA A 697 -9.24 -13.86 1.26
CA ALA A 697 -8.29 -14.57 0.38
C ALA A 697 -8.84 -15.91 -0.11
N MET A 698 -9.91 -16.41 0.55
CA MET A 698 -10.59 -17.60 0.06
C MET A 698 -11.17 -17.44 -1.36
N VAL A 699 -11.44 -16.20 -1.76
CA VAL A 699 -12.16 -15.97 -3.02
C VAL A 699 -11.36 -15.23 -4.04
N LEU A 700 -10.07 -15.04 -3.75
CA LEU A 700 -9.20 -14.26 -4.62
C LEU A 700 -8.27 -15.12 -5.42
N SER A 701 -8.49 -15.15 -6.73
CA SER A 701 -7.62 -15.91 -7.61
C SER A 701 -6.23 -15.28 -7.70
N ASP A 702 -5.19 -16.11 -7.86
CA ASP A 702 -3.89 -15.60 -8.28
C ASP A 702 -3.42 -16.26 -9.56
N ASP A 703 -4.37 -16.75 -10.35
CA ASP A 703 -4.07 -17.09 -11.74
C ASP A 703 -3.62 -15.83 -12.47
N ASP A 704 -2.89 -15.99 -13.56
CA ASP A 704 -2.36 -14.83 -14.26
C ASP A 704 -3.45 -13.84 -14.67
N TRP A 705 -4.62 -14.33 -15.03
CA TRP A 705 -5.70 -13.42 -15.45
C TRP A 705 -6.03 -12.38 -14.36
N ASN A 706 -5.85 -12.75 -13.08
CA ASN A 706 -6.19 -11.85 -11.97
C ASN A 706 -4.99 -11.14 -11.34
N LEU A 707 -3.82 -11.25 -11.97
CA LEU A 707 -2.60 -10.56 -11.51
C LEU A 707 -2.26 -9.34 -12.35
N ASP A 708 -1.86 -8.27 -11.69
CA ASP A 708 -1.22 -7.15 -12.38
C ASP A 708 -0.04 -7.72 -13.17
N PRO A 709 -0.04 -7.55 -14.52
CA PRO A 709 0.99 -8.17 -15.34
C PRO A 709 2.43 -7.78 -15.02
N GLU A 710 2.64 -6.53 -14.58
CA GLU A 710 4.00 -6.05 -14.35
C GLU A 710 4.52 -6.38 -12.95
N GLN A 711 3.62 -6.35 -11.95
CA GLN A 711 4.03 -6.56 -10.56
C GLN A 711 3.73 -7.96 -10.05
N GLY A 712 2.75 -8.65 -10.64
CA GLY A 712 2.38 -9.98 -10.16
C GLY A 712 1.63 -9.99 -8.84
N LEU A 713 1.04 -8.86 -8.48
CA LEU A 713 0.17 -8.76 -7.30
C LEU A 713 -1.26 -9.02 -7.74
N PRO A 714 -2.10 -9.52 -6.83
CA PRO A 714 -3.48 -9.84 -7.17
C PRO A 714 -4.44 -8.66 -7.17
N ASN A 715 -5.42 -8.75 -8.04
CA ASN A 715 -6.48 -7.77 -8.14
C ASN A 715 -7.55 -8.09 -7.07
N LEU A 716 -7.91 -7.08 -6.26
CA LEU A 716 -8.88 -7.20 -5.15
C LEU A 716 -10.02 -6.18 -5.23
N ARG A 717 -9.80 -5.12 -6.02
CA ARG A 717 -10.65 -3.94 -5.96
C ARG A 717 -11.20 -3.70 -7.35
N GLY A 718 -12.43 -4.15 -7.55
CA GLY A 718 -13.05 -4.23 -8.87
C GLY A 718 -12.47 -5.42 -9.61
N GLY A 719 -12.93 -5.64 -10.83
CA GLY A 719 -12.26 -6.56 -11.75
C GLY A 719 -12.53 -8.03 -11.52
N ILE A 720 -13.44 -8.29 -10.59
CA ILE A 720 -13.84 -9.66 -10.23
C ILE A 720 -15.36 -9.63 -10.08
N LEU A 721 -16.02 -10.67 -10.58
CA LEU A 721 -17.45 -10.83 -10.41
C LEU A 721 -17.76 -11.80 -9.28
N ALA A 722 -18.89 -11.55 -8.63
CA ALA A 722 -19.34 -12.35 -7.49
C ALA A 722 -20.86 -12.55 -7.49
N LYS A 723 -21.28 -13.61 -6.82
CA LYS A 723 -22.69 -13.82 -6.52
C LYS A 723 -22.86 -13.90 -4.99
N ALA A 724 -24.07 -13.57 -4.54
CA ALA A 724 -24.38 -13.64 -3.12
C ALA A 724 -25.66 -14.44 -2.96
N TYR A 725 -25.69 -15.35 -1.99
CA TYR A 725 -26.85 -16.19 -1.76
C TYR A 725 -26.99 -16.62 -0.29
N LYS A 726 -28.21 -16.92 0.14
CA LYS A 726 -28.47 -17.31 1.53
C LYS A 726 -27.73 -18.58 1.93
N CYS A 727 -27.24 -18.60 3.18
CA CYS A 727 -26.65 -19.79 3.78
C CYS A 727 -27.71 -20.86 4.05
#